data_9LZA
#
_entry.id   9LZA
#
_cell.length_a   193.770
_cell.length_b   64.950
_cell.length_c   158.700
_cell.angle_alpha   90.00
_cell.angle_beta   116.97
_cell.angle_gamma   90.00
#
_symmetry.space_group_name_H-M   'C 1 2 1'
#
loop_
_entity.id
_entity.type
_entity.pdbx_description
1 polymer 'Phenylethylamine oxidase'
2 non-polymer 'COPPER (II) ION'
3 non-polymer 'SODIUM ION'
4 water water
#
_entity_poly.entity_id   1
_entity_poly.type   'polypeptide(L)'
_entity_poly.pdbx_seq_one_letter_code
;ASPFRLASAGEISEVQGILRTAGLLGPEKRIAYLGVLDPARGAGSEAEDRRFRVFIHDVSGARPQEVTVSVTNGTVISAV
ELDTAATGELPVLEEEFEVVEQLLATDERWLKALAARNLDVSKVRVAPLSAGVFEYAEERGRRILRGLAFVQDFPEDSAW
AHPVDGLVAYVDVVSKEVTRVIDTGVFPVPAEHGNYTDPELTGPLRTTQKPISITQPEGPSFTVTGGNHIEWEKWSLDVG
FDVREGVVLHNIAFRDGDRLRPIINRASIAEMVVPYGDPSPIRSWQNYFDTGEYLVGQYANSLELGCDCLGDITYLSPVI
SDAFGNPREIRNGICMHEEDWGILAKHSDLWSGINYTRRNRRMVISFFTTIGN(TPQ)DYGFYWYLYLDGTIEFEAKATG
VVFTSAFPEGGSDNISQLAPGLGAPFHQHIFSARLDMAIDGFTNRVEEEDVVRQTMGPGNERGNAFSRKRTVLTRESEAV
READARTGRTWIISNPESKNRLNEPVGYKLHAHNQPTLLADPGSSIARRAAFATKDLWVTRYADDERYPTGDFVNQHSGG
AGLPSYIAQDRDIDGQDIVVWHTFGLTHFPRVEDWPIMPVDTVGFKLRPEGFFDRSPVLDVPANP
;
_entity_poly.pdbx_strand_id   A,B
#
loop_
_chem_comp.id
_chem_comp.type
_chem_comp.name
_chem_comp.formula
CU non-polymer 'COPPER (II) ION' 'Cu 2'
NA non-polymer 'SODIUM ION' 'Na 1'
#
# COMPACT_ATOMS: atom_id res chain seq x y z
N ALA A 1 9.35 30.20 21.32
CA ALA A 1 8.31 29.20 21.55
C ALA A 1 8.81 27.79 21.17
N SER A 2 8.57 26.86 22.09
CA SER A 2 9.02 25.48 21.89
C SER A 2 8.20 24.79 20.79
N PRO A 3 8.86 24.01 19.92
CA PRO A 3 8.12 23.21 18.93
C PRO A 3 7.26 22.08 19.51
N PHE A 4 7.35 21.78 20.81
CA PHE A 4 6.50 20.77 21.45
C PHE A 4 5.31 21.40 22.16
N ARG A 5 5.07 22.69 21.96
CA ARG A 5 3.94 23.34 22.62
C ARG A 5 2.63 22.69 22.20
N LEU A 6 1.66 22.78 23.11
CA LEU A 6 0.33 22.27 22.81
C LEU A 6 -0.22 22.99 21.58
N ALA A 7 -0.99 22.28 20.78
CA ALA A 7 -1.73 22.95 19.72
C ALA A 7 -2.67 24.01 20.29
N SER A 8 -2.75 25.17 19.58
CA SER A 8 -3.57 26.30 20.01
C SER A 8 -4.89 26.35 19.27
N ALA A 9 -5.86 27.05 19.85
CA ALA A 9 -7.12 27.30 19.14
C ALA A 9 -6.86 28.08 17.85
N GLY A 10 -5.92 29.03 17.87
CA GLY A 10 -5.51 29.69 16.63
C GLY A 10 -4.99 28.73 15.57
N GLU A 11 -4.12 27.80 15.96
CA GLU A 11 -3.58 26.89 14.95
C GLU A 11 -4.68 26.03 14.36
N ILE A 12 -5.65 25.61 15.19
CA ILE A 12 -6.75 24.79 14.68
C ILE A 12 -7.52 25.58 13.63
N SER A 13 -7.79 26.84 13.93
CA SER A 13 -8.51 27.67 12.96
C SER A 13 -7.73 27.80 11.66
N GLU A 14 -6.39 27.90 11.74
CA GLU A 14 -5.62 28.02 10.50
C GLU A 14 -5.74 26.77 9.65
N VAL A 15 -5.69 25.59 10.28
CA VAL A 15 -5.75 24.32 9.54
C VAL A 15 -7.09 24.20 8.83
N GLN A 16 -8.18 24.59 9.50
CA GLN A 16 -9.50 24.60 8.90
C GLN A 16 -9.56 25.58 7.72
N GLY A 17 -8.96 26.76 7.87
CA GLY A 17 -8.96 27.71 6.77
C GLY A 17 -8.11 27.26 5.60
N ILE A 18 -6.94 26.65 5.89
CA ILE A 18 -6.04 26.12 4.86
C ILE A 18 -6.69 24.98 4.08
N LEU A 19 -7.52 24.16 4.74
CA LEU A 19 -8.17 23.03 4.06
C LEU A 19 -9.39 23.50 3.28
N ARG A 20 -10.15 24.43 3.85
CA ARG A 20 -11.31 25.00 3.18
C ARG A 20 -10.92 25.59 1.83
N THR A 21 -10.05 26.60 1.86
CA THR A 21 -9.40 27.21 0.70
C THR A 21 -8.93 26.19 -0.34
N ALA A 22 -8.18 25.17 0.10
CA ALA A 22 -7.65 24.16 -0.81
C ALA A 22 -8.72 23.28 -1.41
N GLY A 23 -9.98 23.42 -0.94
CA GLY A 23 -11.10 22.63 -1.40
C GLY A 23 -11.27 21.29 -0.76
N LEU A 24 -10.39 20.91 0.20
CA LEU A 24 -10.45 19.60 0.84
C LEU A 24 -11.42 19.55 2.00
N LEU A 25 -11.77 20.71 2.57
CA LEU A 25 -12.70 20.78 3.69
C LEU A 25 -14.03 21.30 3.19
N GLY A 26 -14.70 20.48 2.40
CA GLY A 26 -15.98 20.82 1.85
C GLY A 26 -17.05 20.87 2.91
N PRO A 27 -18.33 20.79 2.49
CA PRO A 27 -19.42 20.68 3.45
C PRO A 27 -19.85 19.25 3.74
N GLU A 28 -19.52 18.32 2.85
CA GLU A 28 -19.71 16.89 3.11
C GLU A 28 -18.51 16.27 3.83
N LYS A 29 -17.49 17.05 4.14
CA LYS A 29 -16.29 16.48 4.76
C LYS A 29 -16.43 16.51 6.28
N ARG A 30 -15.71 15.60 6.95
CA ARG A 30 -15.63 15.59 8.41
C ARG A 30 -14.18 15.27 8.79
N ILE A 31 -13.61 16.08 9.68
CA ILE A 31 -12.30 15.77 10.25
C ILE A 31 -12.46 14.65 11.27
N ALA A 32 -11.84 13.47 11.01
CA ALA A 32 -11.95 12.34 11.93
C ALA A 32 -10.76 12.23 12.86
N TYR A 33 -9.68 12.93 12.56
CA TYR A 33 -8.50 12.97 13.41
C TYR A 33 -7.72 14.22 13.04
N LEU A 34 -7.30 15.01 14.04
CA LEU A 34 -6.36 16.08 13.77
C LEU A 34 -5.34 16.13 14.87
N GLY A 35 -4.05 16.13 14.51
CA GLY A 35 -3.00 16.31 15.50
C GLY A 35 -1.72 16.88 14.93
N VAL A 36 -0.96 17.55 15.79
CA VAL A 36 0.34 18.11 15.39
C VAL A 36 1.38 16.99 15.32
N LEU A 37 2.16 16.96 14.24
CA LEU A 37 3.24 15.99 14.10
C LEU A 37 4.47 16.40 14.90
N ASP A 38 5.23 15.40 15.35
CA ASP A 38 6.45 15.69 16.08
C ASP A 38 7.54 16.17 15.12
N PRO A 39 8.36 17.15 15.56
CA PRO A 39 9.59 17.50 14.82
C PRO A 39 10.36 16.29 14.28
N ALA A 40 11.06 16.46 13.17
CA ALA A 40 11.82 15.35 12.62
C ALA A 40 13.16 15.26 13.36
N ARG A 41 13.80 14.10 13.25
CA ARG A 41 15.06 13.88 13.97
C ARG A 41 16.14 14.84 13.50
N GLY A 42 16.70 15.61 14.44
CA GLY A 42 17.87 16.43 14.20
C GLY A 42 17.59 17.87 13.74
N ALA A 43 16.37 18.18 13.33
CA ALA A 43 16.03 19.51 12.83
C ALA A 43 15.75 20.51 13.95
N GLY A 44 16.25 20.26 15.17
CA GLY A 44 16.02 21.20 16.27
C GLY A 44 16.59 22.57 16.00
N SER A 45 17.74 22.64 15.31
CA SER A 45 18.35 23.90 14.86
C SER A 45 18.26 23.96 13.34
N GLU A 46 17.33 24.76 12.81
CA GLU A 46 16.37 25.55 13.62
C GLU A 46 15.04 25.64 12.84
N ALA A 47 14.34 26.77 12.97
CA ALA A 47 13.10 27.12 12.26
C ALA A 47 11.91 26.28 12.69
N GLU A 48 10.83 26.95 13.13
CA GLU A 48 9.53 26.30 13.24
C GLU A 48 9.18 25.58 11.95
N ASP A 49 8.41 24.51 12.09
CA ASP A 49 7.57 24.05 10.99
C ASP A 49 6.43 23.27 11.64
N ARG A 50 5.51 24.01 12.25
CA ARG A 50 4.32 23.38 12.84
C ARG A 50 3.49 22.72 11.77
N ARG A 51 3.60 21.39 11.67
CA ARG A 51 2.77 20.59 10.77
C ARG A 51 1.68 19.83 11.54
N PHE A 52 0.62 19.54 10.83
CA PHE A 52 -0.56 18.88 11.36
C PHE A 52 -0.98 17.77 10.40
N ARG A 53 -1.29 16.60 10.96
CA ARG A 53 -1.87 15.47 10.24
C ARG A 53 -3.38 15.51 10.40
N VAL A 54 -4.11 15.25 9.31
CA VAL A 54 -5.57 15.27 9.32
C VAL A 54 -6.12 14.07 8.54
N PHE A 55 -7.10 13.37 9.13
CA PHE A 55 -7.86 12.34 8.42
C PHE A 55 -9.22 12.95 8.09
N ILE A 56 -9.56 13.06 6.79
CA ILE A 56 -10.83 13.65 6.36
C ILE A 56 -11.74 12.54 5.84
N HIS A 57 -12.88 12.37 6.50
CA HIS A 57 -13.93 11.44 6.11
C HIS A 57 -14.88 12.12 5.14
N ASP A 58 -15.71 11.32 4.44
CA ASP A 58 -16.66 11.89 3.47
C ASP A 58 -18.02 11.24 3.66
N VAL A 59 -18.99 12.02 4.13
CA VAL A 59 -20.31 11.49 4.51
C VAL A 59 -21.09 10.93 3.33
N SER A 60 -20.75 11.33 2.10
CA SER A 60 -21.51 10.91 0.93
C SER A 60 -21.07 9.53 0.44
N GLY A 61 -19.82 9.13 0.70
CA GLY A 61 -19.40 7.79 0.34
C GLY A 61 -18.09 7.76 -0.42
N ALA A 62 -17.65 8.95 -0.83
CA ALA A 62 -16.38 9.13 -1.50
C ALA A 62 -15.22 8.64 -0.62
N ARG A 63 -14.00 8.66 -1.20
CA ARG A 63 -12.86 8.12 -0.47
C ARG A 63 -12.29 9.17 0.48
N PRO A 64 -11.83 8.76 1.64
CA PRO A 64 -11.26 9.72 2.58
C PRO A 64 -9.83 10.08 2.16
N GLN A 65 -9.34 11.15 2.76
CA GLN A 65 -8.01 11.66 2.50
C GLN A 65 -7.19 11.68 3.77
N GLU A 66 -5.90 11.41 3.63
CA GLU A 66 -4.90 11.77 4.61
C GLU A 66 -4.18 13.03 4.11
N VAL A 67 -4.02 14.00 4.99
CA VAL A 67 -3.56 15.33 4.61
C VAL A 67 -2.59 15.82 5.68
N THR A 68 -1.48 16.43 5.26
CA THR A 68 -0.58 17.12 6.17
C THR A 68 -0.56 18.60 5.78
N VAL A 69 -0.56 19.50 6.79
CA VAL A 69 -0.51 20.93 6.50
C VAL A 69 0.55 21.57 7.37
N SER A 70 1.23 22.57 6.81
CA SER A 70 2.10 23.44 7.59
C SER A 70 1.35 24.73 7.85
N VAL A 71 1.25 25.11 9.12
CA VAL A 71 0.53 26.32 9.48
C VAL A 71 1.48 27.48 9.66
N THR A 72 2.75 27.22 9.93
CA THR A 72 3.73 28.29 10.02
C THR A 72 4.01 28.90 8.65
N ASN A 73 3.88 28.11 7.57
CA ASN A 73 3.99 28.60 6.19
C ASN A 73 2.65 28.81 5.52
N GLY A 74 1.70 27.92 5.74
CA GLY A 74 0.33 28.16 5.37
C GLY A 74 -0.16 27.44 4.14
N THR A 75 0.36 26.25 3.84
CA THR A 75 -0.12 25.49 2.69
C THR A 75 -0.31 24.02 3.05
N VAL A 76 -1.01 23.31 2.16
CA VAL A 76 -1.05 21.85 2.22
C VAL A 76 0.29 21.30 1.78
N ILE A 77 0.77 20.28 2.48
CA ILE A 77 2.05 19.64 2.17
C ILE A 77 1.85 18.39 1.34
N SER A 78 0.79 17.65 1.62
CA SER A 78 0.45 16.46 0.85
C SER A 78 -0.99 16.13 1.14
N ALA A 79 -1.61 15.49 0.17
CA ALA A 79 -2.97 15.03 0.31
C ALA A 79 -3.02 13.72 -0.44
N VAL A 80 -3.59 12.71 0.20
CA VAL A 80 -3.56 11.36 -0.32
C VAL A 80 -4.96 10.81 -0.14
N GLU A 81 -5.46 10.13 -1.16
CA GLU A 81 -6.75 9.48 -1.09
C GLU A 81 -6.53 8.02 -0.69
N LEU A 82 -7.43 7.48 0.12
CA LEU A 82 -7.22 6.18 0.77
C LEU A 82 -8.17 5.14 0.21
N ASP A 83 -7.67 3.93 0.01
CA ASP A 83 -8.51 2.78 -0.28
C ASP A 83 -8.72 2.05 1.04
N THR A 84 -9.93 2.20 1.63
CA THR A 84 -10.15 1.76 3.00
C THR A 84 -10.38 0.27 3.10
N ALA A 85 -10.82 -0.37 2.01
CA ALA A 85 -10.82 -1.83 1.98
C ALA A 85 -9.39 -2.36 2.04
N ALA A 86 -8.42 -1.56 1.60
CA ALA A 86 -7.02 -1.95 1.66
C ALA A 86 -6.43 -1.70 3.04
N THR A 87 -6.36 -0.43 3.47
CA THR A 87 -5.55 -0.01 4.60
C THR A 87 -6.36 0.18 5.90
N GLY A 88 -7.67 -0.02 5.88
CA GLY A 88 -8.57 0.11 7.02
C GLY A 88 -9.35 1.43 7.01
N GLU A 89 -10.42 1.48 7.80
CA GLU A 89 -11.24 2.69 7.86
C GLU A 89 -10.64 3.77 8.74
N LEU A 90 -11.23 4.95 8.66
CA LEU A 90 -10.88 6.03 9.54
C LEU A 90 -11.54 5.81 10.90
N PRO A 91 -11.12 6.54 11.93
CA PRO A 91 -11.69 6.32 13.29
C PRO A 91 -13.17 6.66 13.33
N VAL A 92 -13.89 5.99 14.25
CA VAL A 92 -15.32 6.26 14.41
C VAL A 92 -15.55 7.73 14.76
N LEU A 93 -16.55 8.34 14.13
CA LEU A 93 -16.96 9.71 14.41
C LEU A 93 -18.01 9.74 15.53
N GLU A 94 -17.95 10.80 16.35
CA GLU A 94 -18.91 10.97 17.43
C GLU A 94 -20.35 10.91 16.93
N GLU A 95 -20.62 11.56 15.79
CA GLU A 95 -21.97 11.65 15.27
C GLU A 95 -22.45 10.33 14.67
N GLU A 96 -21.55 9.41 14.31
CA GLU A 96 -22.01 8.10 13.87
C GLU A 96 -22.57 7.27 15.02
N PHE A 97 -22.21 7.59 16.26
CA PHE A 97 -22.60 6.72 17.37
C PHE A 97 -24.13 6.67 17.52
N GLU A 98 -24.81 7.80 17.39
CA GLU A 98 -26.25 7.79 17.63
C GLU A 98 -27.05 7.36 16.41
N VAL A 99 -26.45 7.42 15.22
CA VAL A 99 -27.16 6.98 14.03
C VAL A 99 -27.60 5.54 14.20
N VAL A 100 -26.90 4.76 15.02
CA VAL A 100 -27.25 3.34 15.11
C VAL A 100 -28.61 3.15 15.79
N GLU A 101 -28.82 3.77 16.97
CA GLU A 101 -30.11 3.63 17.66
C GLU A 101 -31.25 4.29 16.89
N GLN A 102 -30.95 5.38 16.20
CA GLN A 102 -31.98 6.12 15.47
C GLN A 102 -32.41 5.36 14.21
N LEU A 103 -31.44 4.80 13.46
CA LEU A 103 -31.76 3.92 12.34
C LEU A 103 -32.53 2.70 12.78
N LEU A 104 -32.02 1.98 13.81
CA LEU A 104 -32.63 0.71 14.20
C LEU A 104 -34.08 0.90 14.62
N ALA A 105 -34.44 2.12 15.08
CA ALA A 105 -35.77 2.39 15.60
C ALA A 105 -36.85 2.26 14.53
N THR A 106 -36.48 2.38 13.26
CA THR A 106 -37.42 2.27 12.15
C THR A 106 -37.25 0.99 11.34
N ASP A 107 -36.32 0.11 11.72
CA ASP A 107 -36.15 -1.14 11.00
C ASP A 107 -37.17 -2.15 11.48
N GLU A 108 -37.75 -2.89 10.52
CA GLU A 108 -38.87 -3.77 10.85
C GLU A 108 -38.40 -5.02 11.57
N ARG A 109 -37.24 -5.56 11.21
CA ARG A 109 -36.73 -6.75 11.89
C ARG A 109 -36.40 -6.44 13.36
N TRP A 110 -35.86 -5.23 13.61
CA TRP A 110 -35.56 -4.77 14.95
C TRP A 110 -36.84 -4.48 15.73
N LEU A 111 -37.80 -3.78 15.11
CA LEU A 111 -39.08 -3.59 15.79
C LEU A 111 -39.70 -4.94 16.13
N LYS A 112 -39.57 -5.92 15.24
CA LYS A 112 -40.14 -7.24 15.45
C LYS A 112 -39.51 -7.94 16.65
N ALA A 113 -38.17 -7.81 16.81
CA ALA A 113 -37.48 -8.47 17.91
C ALA A 113 -37.81 -7.82 19.25
N LEU A 114 -37.99 -6.50 19.28
CA LEU A 114 -38.37 -5.83 20.53
C LEU A 114 -39.82 -6.15 20.94
N ALA A 115 -40.74 -6.25 19.96
CA ALA A 115 -42.14 -6.59 20.26
C ALA A 115 -42.29 -7.99 20.83
N ALA A 116 -41.56 -8.99 20.29
CA ALA A 116 -41.57 -10.32 20.89
C ALA A 116 -41.19 -10.26 22.37
N ARG A 117 -40.38 -9.29 22.76
CA ARG A 117 -39.91 -9.17 24.14
C ARG A 117 -40.71 -8.15 24.93
N ASN A 118 -41.75 -7.58 24.30
CA ASN A 118 -42.64 -6.61 24.94
C ASN A 118 -41.92 -5.35 25.41
N LEU A 119 -40.96 -4.87 24.60
CA LEU A 119 -40.16 -3.69 24.95
C LEU A 119 -40.59 -2.47 24.15
N ASP A 120 -40.82 -1.36 24.84
CA ASP A 120 -41.11 -0.11 24.16
C ASP A 120 -39.83 0.41 23.48
N VAL A 121 -39.85 0.53 22.15
CA VAL A 121 -38.69 0.95 21.38
C VAL A 121 -38.09 2.24 21.94
N SER A 122 -38.92 3.11 22.51
CA SER A 122 -38.43 4.37 23.06
C SER A 122 -37.67 4.19 24.37
N LYS A 123 -37.67 2.99 24.95
CA LYS A 123 -36.89 2.68 26.14
C LYS A 123 -35.61 1.90 25.85
N VAL A 124 -35.28 1.66 24.58
CA VAL A 124 -34.16 0.81 24.23
C VAL A 124 -32.99 1.69 23.79
N ARG A 125 -31.93 1.66 24.58
CA ARG A 125 -30.67 2.26 24.17
C ARG A 125 -29.86 1.25 23.36
N VAL A 126 -29.00 1.77 22.48
N VAL A 126 -29.12 1.75 22.37
CA VAL A 126 -28.13 0.89 21.71
CA VAL A 126 -28.26 0.87 21.58
C VAL A 126 -26.67 1.13 22.07
C VAL A 126 -26.84 1.35 21.79
N ALA A 127 -26.13 2.29 21.64
N ALA A 127 -25.99 0.46 22.28
CA ALA A 127 -24.70 2.57 21.58
CA ALA A 127 -24.55 0.74 22.38
C ALA A 127 -24.02 1.57 20.67
C ALA A 127 -23.89 0.51 21.02
N PRO A 128 -23.33 2.04 19.64
N PRO A 128 -23.32 1.50 20.41
CA PRO A 128 -22.65 1.11 18.73
CA PRO A 128 -22.63 1.28 19.12
C PRO A 128 -21.24 0.81 19.20
C PRO A 128 -21.19 0.81 19.29
N LEU A 129 -20.83 -0.39 18.83
CA LEU A 129 -19.52 -0.94 19.07
C LEU A 129 -18.81 -1.13 17.74
N SER A 130 -17.48 -1.03 17.76
CA SER A 130 -16.68 -1.25 16.55
C SER A 130 -16.96 -2.66 16.03
N ALA A 131 -16.75 -2.84 14.73
CA ALA A 131 -17.20 -4.06 14.09
C ALA A 131 -16.16 -5.15 14.02
N GLY A 132 -14.87 -4.81 13.84
CA GLY A 132 -13.87 -5.85 13.58
C GLY A 132 -14.00 -6.41 12.16
N VAL A 133 -13.26 -7.49 11.93
CA VAL A 133 -13.30 -8.18 10.64
C VAL A 133 -13.61 -9.65 10.92
N PHE A 134 -14.76 -10.11 10.42
CA PHE A 134 -15.06 -11.53 10.51
C PHE A 134 -15.50 -12.07 9.15
N GLU A 135 -16.44 -13.01 9.15
CA GLU A 135 -16.70 -13.79 7.93
C GLU A 135 -17.59 -13.07 6.92
N TYR A 136 -18.26 -11.98 7.30
CA TYR A 136 -19.24 -11.33 6.44
C TYR A 136 -18.55 -10.62 5.28
N ALA A 137 -18.76 -11.13 4.07
CA ALA A 137 -18.07 -10.61 2.89
C ALA A 137 -18.56 -9.22 2.49
N GLU A 138 -19.83 -8.92 2.73
CA GLU A 138 -20.41 -7.65 2.32
C GLU A 138 -19.91 -6.47 3.15
N GLU A 139 -19.05 -6.69 4.14
CA GLU A 139 -18.63 -5.60 5.00
C GLU A 139 -17.29 -5.00 4.61
N ARG A 140 -16.50 -5.70 3.78
CA ARG A 140 -15.19 -5.20 3.37
C ARG A 140 -15.34 -4.00 2.42
N GLY A 141 -14.78 -2.86 2.83
CA GLY A 141 -14.99 -1.60 2.17
C GLY A 141 -16.08 -0.75 2.77
N ARG A 142 -16.97 -1.34 3.56
CA ARG A 142 -18.06 -0.65 4.22
C ARG A 142 -17.63 -0.17 5.60
N ARG A 143 -18.17 0.98 5.98
CA ARG A 143 -18.13 1.48 7.35
C ARG A 143 -19.27 0.80 8.15
N ILE A 144 -18.94 -0.14 9.06
CA ILE A 144 -19.90 -0.99 9.76
C ILE A 144 -19.75 -0.78 11.27
N LEU A 145 -20.87 -0.58 11.97
CA LEU A 145 -20.93 -0.63 13.43
C LEU A 145 -21.94 -1.68 13.85
N ARG A 146 -21.65 -2.36 14.96
CA ARG A 146 -22.57 -3.33 15.53
C ARG A 146 -23.26 -2.75 16.77
N GLY A 147 -24.44 -3.29 17.07
CA GLY A 147 -25.28 -2.64 18.07
C GLY A 147 -25.87 -3.63 19.05
N LEU A 148 -25.70 -3.39 20.36
CA LEU A 148 -26.27 -4.24 21.40
C LEU A 148 -27.21 -3.39 22.25
N ALA A 149 -28.34 -3.98 22.64
CA ALA A 149 -29.47 -3.26 23.21
C ALA A 149 -29.52 -3.38 24.74
N PHE A 150 -29.85 -2.26 25.40
CA PHE A 150 -30.14 -2.19 26.82
C PHE A 150 -31.42 -1.37 27.03
N VAL A 151 -32.19 -1.72 28.06
CA VAL A 151 -33.43 -1.04 28.40
C VAL A 151 -33.18 0.00 29.48
N GLN A 152 -33.60 1.24 29.23
CA GLN A 152 -33.71 2.26 30.26
C GLN A 152 -35.16 2.36 30.72
N ASP A 153 -35.41 2.24 32.03
CA ASP A 153 -36.76 2.29 32.56
C ASP A 153 -37.30 3.71 32.70
N PHE A 154 -36.42 4.67 32.94
CA PHE A 154 -36.72 6.08 33.09
C PHE A 154 -35.44 6.86 32.82
N PRO A 155 -35.52 8.15 32.44
CA PRO A 155 -34.33 8.82 31.84
C PRO A 155 -33.09 8.83 32.71
N GLU A 156 -33.23 8.68 34.02
CA GLU A 156 -32.11 8.66 34.95
C GLU A 156 -31.65 7.25 35.27
N ASP A 157 -32.22 6.22 34.63
CA ASP A 157 -31.92 4.83 34.93
C ASP A 157 -30.62 4.36 34.26
N SER A 158 -29.90 3.48 34.96
CA SER A 158 -28.67 2.90 34.42
C SER A 158 -29.03 1.77 33.46
N ALA A 159 -28.85 1.98 32.15
CA ALA A 159 -29.31 0.96 31.19
C ALA A 159 -28.54 -0.33 31.32
N TRP A 160 -27.27 -0.25 31.75
CA TRP A 160 -26.42 -1.42 31.85
C TRP A 160 -27.02 -2.54 32.69
N ALA A 161 -27.94 -2.21 33.61
CA ALA A 161 -28.55 -3.25 34.43
C ALA A 161 -29.56 -4.10 33.68
N HIS A 162 -29.95 -3.72 32.46
CA HIS A 162 -31.00 -4.44 31.71
C HIS A 162 -30.54 -4.75 30.28
N PRO A 163 -29.55 -5.62 30.10
CA PRO A 163 -29.18 -6.02 28.74
C PRO A 163 -30.31 -6.78 28.11
N VAL A 164 -30.43 -6.67 26.78
CA VAL A 164 -31.33 -7.47 25.97
C VAL A 164 -30.48 -8.49 25.20
N ASP A 165 -30.37 -9.71 25.73
CA ASP A 165 -29.49 -10.72 25.12
C ASP A 165 -30.19 -11.40 23.93
N GLY A 166 -29.40 -12.23 23.23
CA GLY A 166 -29.86 -12.91 22.04
C GLY A 166 -30.12 -12.02 20.83
N LEU A 167 -29.81 -10.75 20.92
CA LEU A 167 -30.13 -9.79 19.89
C LEU A 167 -28.86 -9.00 19.59
N VAL A 168 -28.58 -8.82 18.31
CA VAL A 168 -27.56 -7.89 17.85
C VAL A 168 -27.96 -7.43 16.46
N ALA A 169 -27.54 -6.22 16.08
CA ALA A 169 -27.72 -5.65 14.75
C ALA A 169 -26.39 -5.15 14.22
N TYR A 170 -26.27 -5.10 12.89
CA TYR A 170 -25.13 -4.50 12.22
C TYR A 170 -25.64 -3.36 11.35
N VAL A 171 -24.90 -2.25 11.33
CA VAL A 171 -25.35 -1.03 10.68
C VAL A 171 -24.24 -0.46 9.80
N ASP A 172 -24.62 0.06 8.63
CA ASP A 172 -23.72 0.80 7.74
C ASP A 172 -24.03 2.27 7.96
N VAL A 173 -23.13 3.03 8.59
CA VAL A 173 -23.57 4.38 8.96
C VAL A 173 -23.14 5.45 7.93
N VAL A 174 -22.68 5.03 6.74
CA VAL A 174 -22.57 5.95 5.58
C VAL A 174 -23.83 5.92 4.73
N SER A 175 -24.26 4.72 4.33
CA SER A 175 -25.45 4.57 3.51
C SER A 175 -26.72 4.49 4.34
N LYS A 176 -26.62 4.61 5.66
CA LYS A 176 -27.74 4.44 6.61
C LYS A 176 -28.55 3.18 6.31
N GLU A 177 -28.05 2.01 6.70
CA GLU A 177 -28.67 0.75 6.31
C GLU A 177 -28.38 -0.35 7.32
N VAL A 178 -29.40 -1.08 7.72
CA VAL A 178 -29.25 -2.18 8.66
C VAL A 178 -28.98 -3.44 7.83
N THR A 179 -27.72 -3.89 7.80
CA THR A 179 -27.41 -5.03 6.95
C THR A 179 -28.04 -6.30 7.48
N ARG A 180 -27.89 -6.58 8.78
CA ARG A 180 -28.43 -7.78 9.40
C ARG A 180 -28.99 -7.44 10.78
N VAL A 181 -30.03 -8.20 11.17
CA VAL A 181 -30.50 -8.30 12.53
C VAL A 181 -30.45 -9.78 12.88
N ILE A 182 -29.75 -10.14 13.95
CA ILE A 182 -29.60 -11.54 14.34
C ILE A 182 -30.31 -11.71 15.67
N ASP A 183 -31.28 -12.61 15.69
CA ASP A 183 -32.05 -12.89 16.90
C ASP A 183 -31.93 -14.37 17.21
N THR A 184 -31.11 -14.72 18.20
CA THR A 184 -30.88 -16.13 18.48
C THR A 184 -31.84 -16.71 19.51
N GLY A 185 -32.58 -15.89 20.24
CA GLY A 185 -33.51 -16.37 21.23
C GLY A 185 -33.85 -15.27 22.21
N VAL A 186 -34.95 -15.47 22.92
CA VAL A 186 -35.37 -14.50 23.93
C VAL A 186 -34.69 -14.87 25.24
N PHE A 187 -34.12 -13.87 25.90
CA PHE A 187 -33.68 -14.00 27.26
C PHE A 187 -34.47 -13.01 28.08
N PRO A 188 -34.87 -13.37 29.30
CA PRO A 188 -35.43 -12.37 30.21
C PRO A 188 -34.48 -11.17 30.37
N VAL A 189 -35.05 -9.97 30.34
CA VAL A 189 -34.19 -8.83 30.60
C VAL A 189 -34.16 -8.72 32.12
N PRO A 190 -32.96 -8.73 32.71
CA PRO A 190 -32.85 -8.71 34.17
C PRO A 190 -33.54 -7.49 34.76
N ALA A 191 -34.19 -7.69 35.90
CA ALA A 191 -35.16 -6.73 36.41
C ALA A 191 -34.60 -5.77 37.45
N GLU A 192 -33.62 -6.16 38.26
CA GLU A 192 -33.14 -5.28 39.31
C GLU A 192 -32.50 -4.05 38.71
N HIS A 193 -32.60 -2.94 39.42
CA HIS A 193 -31.92 -1.78 38.87
C HIS A 193 -30.47 -1.72 39.40
N GLY A 194 -29.65 -0.93 38.73
CA GLY A 194 -28.29 -0.72 39.20
C GLY A 194 -27.98 0.74 39.41
N ASN A 195 -28.92 1.45 40.06
CA ASN A 195 -28.81 2.92 40.20
C ASN A 195 -28.09 3.22 41.52
N TYR A 196 -26.78 3.48 41.41
CA TYR A 196 -25.89 3.63 42.55
C TYR A 196 -26.01 5.00 43.22
N THR A 197 -26.89 5.87 42.73
CA THR A 197 -27.21 7.08 43.48
C THR A 197 -28.60 7.03 44.11
N ASP A 198 -29.32 5.94 43.94
CA ASP A 198 -30.65 5.77 44.55
C ASP A 198 -30.54 5.47 46.04
N PRO A 199 -31.10 6.31 46.91
CA PRO A 199 -31.00 6.05 48.37
C PRO A 199 -31.52 4.68 48.78
N GLU A 200 -32.46 4.12 48.02
CA GLU A 200 -32.93 2.76 48.27
C GLU A 200 -31.82 1.72 48.03
N LEU A 201 -30.90 1.96 47.09
CA LEU A 201 -29.81 1.00 46.91
C LEU A 201 -28.59 1.32 47.78
N THR A 202 -28.28 2.61 47.99
CA THR A 202 -27.09 2.93 48.76
C THR A 202 -27.33 2.87 50.26
N GLY A 203 -28.59 2.88 50.69
CA GLY A 203 -28.87 3.06 52.08
C GLY A 203 -28.40 4.41 52.56
N PRO A 204 -28.43 4.63 53.87
CA PRO A 204 -27.93 5.88 54.43
C PRO A 204 -26.44 6.02 54.17
N LEU A 205 -26.02 7.21 53.75
CA LEU A 205 -24.61 7.47 53.49
C LEU A 205 -23.83 7.58 54.79
N ARG A 206 -22.55 7.23 54.73
CA ARG A 206 -21.71 7.31 55.92
C ARG A 206 -21.54 8.74 56.39
N THR A 207 -21.56 8.91 57.71
CA THR A 207 -21.19 10.15 58.36
C THR A 207 -19.88 10.06 59.12
N THR A 208 -19.13 8.95 58.97
CA THR A 208 -17.91 8.69 59.75
C THR A 208 -16.64 9.21 59.08
N GLN A 209 -16.70 9.61 57.81
CA GLN A 209 -15.49 10.06 57.11
C GLN A 209 -15.20 11.51 57.45
N LYS A 210 -14.06 11.75 58.06
CA LYS A 210 -13.70 13.12 58.36
C LYS A 210 -12.72 13.63 57.32
N PRO A 211 -12.64 14.94 57.08
CA PRO A 211 -11.86 15.42 55.92
C PRO A 211 -10.35 15.23 56.07
N ILE A 212 -9.71 15.01 54.93
CA ILE A 212 -8.26 15.09 54.79
C ILE A 212 -7.98 16.34 54.00
N SER A 213 -7.10 17.18 54.52
CA SER A 213 -6.80 18.47 53.93
C SER A 213 -5.35 18.44 53.47
N ILE A 214 -5.16 18.53 52.16
CA ILE A 214 -3.85 18.54 51.54
C ILE A 214 -3.67 19.90 50.89
N THR A 215 -2.68 20.67 51.36
CA THR A 215 -2.44 22.02 50.87
C THR A 215 -0.96 22.30 50.82
N GLN A 216 -0.59 23.25 49.97
CA GLN A 216 0.79 23.68 49.79
C GLN A 216 0.80 25.18 50.05
N PRO A 217 1.05 25.59 51.30
CA PRO A 217 0.88 27.01 51.65
C PRO A 217 1.76 27.95 50.85
N GLU A 218 2.86 27.45 50.28
CA GLU A 218 3.79 28.22 49.48
C GLU A 218 3.67 27.90 48.00
N GLY A 219 2.68 27.11 47.60
CA GLY A 219 2.53 26.69 46.23
C GLY A 219 3.34 25.45 45.91
N PRO A 220 3.15 24.92 44.70
CA PRO A 220 3.83 23.69 44.30
C PRO A 220 5.30 23.92 43.99
N SER A 221 6.08 22.82 43.99
CA SER A 221 7.53 22.88 43.74
C SER A 221 7.88 22.84 42.26
N PHE A 222 6.93 22.56 41.38
CA PHE A 222 7.21 22.49 39.96
C PHE A 222 6.84 23.82 39.30
N THR A 223 7.47 24.09 38.17
CA THR A 223 7.14 25.26 37.36
C THR A 223 6.64 24.79 36.02
N VAL A 224 5.77 25.61 35.41
CA VAL A 224 5.31 25.38 34.05
C VAL A 224 5.62 26.65 33.27
N THR A 225 6.40 26.52 32.20
CA THR A 225 6.65 27.63 31.31
C THR A 225 6.29 27.22 29.89
N GLY A 226 5.89 28.20 29.09
CA GLY A 226 5.57 27.90 27.72
C GLY A 226 4.31 27.13 27.52
N GLY A 227 3.40 27.17 28.47
CA GLY A 227 2.18 26.39 28.37
C GLY A 227 2.27 24.97 28.95
N ASN A 228 3.38 24.25 28.69
CA ASN A 228 3.40 22.83 28.96
C ASN A 228 4.78 22.26 29.28
N HIS A 229 5.81 23.07 29.48
CA HIS A 229 7.13 22.55 29.79
C HIS A 229 7.30 22.53 31.31
N ILE A 230 7.64 21.37 31.85
CA ILE A 230 7.61 21.15 33.30
C ILE A 230 9.03 21.02 33.78
N GLU A 231 9.34 21.67 34.91
CA GLU A 231 10.57 21.48 35.67
C GLU A 231 10.19 21.11 37.09
N TRP A 232 10.67 19.95 37.58
CA TRP A 232 10.36 19.50 38.95
C TRP A 232 11.49 18.62 39.46
N GLU A 233 12.08 19.02 40.59
CA GLU A 233 13.04 18.21 41.34
C GLU A 233 14.03 17.49 40.44
N LYS A 234 14.69 18.28 39.59
CA LYS A 234 15.71 17.91 38.61
C LYS A 234 15.13 17.32 37.34
N TRP A 235 13.83 17.03 37.29
CA TRP A 235 13.21 16.52 36.08
C TRP A 235 12.85 17.65 35.12
N SER A 236 12.96 17.34 33.82
CA SER A 236 12.57 18.24 32.74
C SER A 236 11.76 17.45 31.71
N LEU A 237 10.58 17.95 31.30
CA LEU A 237 9.80 17.32 30.23
C LEU A 237 8.75 18.26 29.66
N ASP A 238 8.23 17.88 28.48
CA ASP A 238 7.10 18.55 27.85
C ASP A 238 5.87 17.66 27.88
N VAL A 239 4.73 18.22 28.30
CA VAL A 239 3.47 17.51 28.37
C VAL A 239 2.67 17.84 27.11
N GLY A 240 2.61 16.88 26.17
CA GLY A 240 1.80 17.00 24.98
C GLY A 240 0.42 16.33 25.13
N PHE A 241 -0.48 16.65 24.19
CA PHE A 241 -1.80 16.04 24.15
C PHE A 241 -2.22 15.82 22.71
N ASP A 242 -2.51 14.58 22.39
CA ASP A 242 -2.98 14.17 21.09
C ASP A 242 -4.38 13.58 21.20
N VAL A 243 -5.22 13.79 20.20
CA VAL A 243 -6.61 13.36 20.34
C VAL A 243 -6.70 11.82 20.33
N ARG A 244 -5.75 11.15 19.68
CA ARG A 244 -5.74 9.69 19.62
C ARG A 244 -5.12 9.10 20.90
N GLU A 245 -3.87 9.45 21.18
CA GLU A 245 -3.16 8.85 22.32
C GLU A 245 -3.50 9.44 23.69
N GLY A 246 -3.99 10.68 23.78
CA GLY A 246 -4.14 11.36 25.06
C GLY A 246 -2.88 12.08 25.52
N VAL A 247 -2.60 12.10 26.84
CA VAL A 247 -1.35 12.68 27.32
C VAL A 247 -0.17 11.95 26.73
N VAL A 248 0.77 12.71 26.16
CA VAL A 248 2.01 12.18 25.59
C VAL A 248 3.13 12.92 26.30
N LEU A 249 4.20 12.22 26.68
CA LEU A 249 5.31 12.86 27.38
C LEU A 249 6.51 12.97 26.44
N HIS A 250 7.08 14.19 26.30
CA HIS A 250 8.21 14.47 25.43
C HIS A 250 9.46 14.86 26.21
N ASN A 251 10.63 14.42 25.71
CA ASN A 251 11.91 14.99 26.14
C ASN A 251 12.10 14.82 27.66
N ILE A 252 11.84 13.61 28.18
CA ILE A 252 12.04 13.42 29.61
C ILE A 252 13.53 13.40 29.88
N ALA A 253 13.98 14.26 30.78
CA ALA A 253 15.40 14.39 31.07
C ALA A 253 15.57 14.72 32.54
N PHE A 254 16.78 14.45 33.05
CA PHE A 254 17.16 14.63 34.45
C PHE A 254 18.43 15.47 34.51
N ARG A 255 18.39 16.57 35.27
CA ARG A 255 19.53 17.47 35.49
C ARG A 255 20.50 16.87 36.50
N ASP A 256 21.57 16.24 36.02
CA ASP A 256 22.55 15.59 36.88
C ASP A 256 23.73 16.54 36.97
N GLY A 257 23.80 17.28 38.08
CA GLY A 257 24.83 18.29 38.22
C GLY A 257 24.46 19.51 37.39
N ASP A 258 25.20 19.76 36.32
CA ASP A 258 24.77 20.75 35.36
C ASP A 258 24.68 20.20 33.93
N ARG A 259 24.74 18.87 33.76
CA ARG A 259 24.29 18.24 32.52
C ARG A 259 22.79 17.97 32.62
N LEU A 260 22.05 18.31 31.57
CA LEU A 260 20.68 17.84 31.40
C LEU A 260 20.78 16.54 30.61
N ARG A 261 20.56 15.36 31.31
CA ARG A 261 20.71 14.09 30.62
C ARG A 261 19.37 13.56 30.10
N PRO A 262 19.27 13.18 28.83
CA PRO A 262 18.01 12.65 28.33
C PRO A 262 17.80 11.24 28.85
N ILE A 263 16.53 10.88 28.98
CA ILE A 263 16.15 9.53 29.41
C ILE A 263 15.21 8.91 28.39
N ILE A 264 14.10 9.57 28.09
CA ILE A 264 13.13 9.07 27.11
C ILE A 264 12.75 10.18 26.16
N ASN A 265 12.73 9.89 24.86
CA ASN A 265 12.39 10.96 23.92
C ASN A 265 10.88 11.14 23.79
N ARG A 266 10.14 10.04 23.72
CA ARG A 266 8.67 10.14 23.66
C ARG A 266 8.05 8.96 24.38
N ALA A 267 7.07 9.23 25.23
CA ALA A 267 6.37 8.16 25.94
C ALA A 267 4.88 8.36 25.76
N SER A 268 4.19 7.28 25.39
CA SER A 268 2.75 7.34 25.18
C SER A 268 2.19 5.96 25.41
N ILE A 269 0.87 5.91 25.64
CA ILE A 269 0.10 4.70 25.47
C ILE A 269 -0.41 4.72 24.02
N ALA A 270 0.17 3.89 23.14
CA ALA A 270 -0.05 4.07 21.69
C ALA A 270 -1.17 3.21 21.15
N GLU A 271 -1.75 2.35 21.98
CA GLU A 271 -2.89 1.52 21.59
C GLU A 271 -3.45 0.88 22.85
N MET A 272 -4.71 0.50 22.79
CA MET A 272 -5.19 -0.46 23.78
C MET A 272 -6.23 -1.31 23.10
N VAL A 273 -6.51 -2.43 23.71
CA VAL A 273 -7.48 -3.37 23.16
C VAL A 273 -8.23 -4.03 24.30
N VAL A 274 -9.53 -4.26 24.09
CA VAL A 274 -10.46 -4.85 25.07
C VAL A 274 -11.13 -6.01 24.36
N PRO A 275 -10.57 -7.22 24.46
CA PRO A 275 -11.16 -8.43 23.89
C PRO A 275 -12.08 -9.11 24.89
N TYR A 276 -13.24 -9.57 24.42
CA TYR A 276 -14.21 -10.31 25.23
C TYR A 276 -14.12 -11.81 24.96
N GLY A 277 -14.30 -12.60 26.02
CA GLY A 277 -14.02 -14.03 26.02
C GLY A 277 -15.25 -14.93 26.03
N ASP A 278 -16.39 -14.39 25.60
CA ASP A 278 -17.67 -15.10 25.58
C ASP A 278 -17.92 -15.65 24.17
N PRO A 279 -18.04 -16.97 23.96
CA PRO A 279 -18.16 -17.50 22.60
C PRO A 279 -19.55 -17.40 22.00
N SER A 280 -20.50 -16.84 22.71
CA SER A 280 -21.82 -16.62 22.14
C SER A 280 -21.73 -15.81 20.84
N PRO A 281 -22.43 -16.22 19.76
CA PRO A 281 -22.49 -15.39 18.55
C PRO A 281 -22.98 -13.97 18.76
N ILE A 282 -23.77 -13.71 19.81
CA ILE A 282 -24.18 -12.33 20.09
C ILE A 282 -23.00 -11.43 20.42
N ARG A 283 -21.93 -11.98 21.04
CA ARG A 283 -20.81 -11.15 21.49
C ARG A 283 -19.42 -11.65 21.08
N SER A 284 -19.30 -12.74 20.33
CA SER A 284 -17.97 -13.30 20.13
C SER A 284 -17.13 -12.49 19.16
N TRP A 285 -17.71 -11.45 18.52
CA TRP A 285 -17.01 -10.46 17.70
C TRP A 285 -16.50 -9.25 18.49
N GLN A 286 -16.88 -9.05 19.77
CA GLN A 286 -16.60 -7.75 20.39
C GLN A 286 -15.16 -7.67 20.92
N ASN A 287 -14.43 -6.76 20.31
CA ASN A 287 -13.12 -6.31 20.72
C ASN A 287 -13.11 -4.85 20.32
N TYR A 288 -12.67 -3.99 21.20
CA TYR A 288 -12.48 -2.59 20.86
C TYR A 288 -11.00 -2.28 20.95
N PHE A 289 -10.54 -1.43 20.03
CA PHE A 289 -9.26 -0.73 20.22
C PHE A 289 -9.62 0.71 20.57
N ASP A 290 -9.75 0.98 21.88
CA ASP A 290 -10.18 2.31 22.30
C ASP A 290 -9.32 3.40 21.68
N THR A 291 -8.00 3.22 21.68
CA THR A 291 -7.12 4.28 21.19
C THR A 291 -7.17 4.40 19.66
N GLY A 292 -7.01 3.29 18.95
CA GLY A 292 -6.93 3.33 17.50
C GLY A 292 -8.28 3.55 16.81
N GLU A 293 -9.35 2.98 17.33
CA GLU A 293 -10.70 3.08 16.76
C GLU A 293 -11.52 4.29 17.25
N TYR A 294 -11.48 4.62 18.55
CA TYR A 294 -12.34 5.69 19.09
C TYR A 294 -11.64 7.00 19.38
N LEU A 295 -10.32 6.96 19.64
CA LEU A 295 -9.46 8.09 19.97
C LEU A 295 -9.75 8.44 21.42
N VAL A 296 -8.91 8.01 22.39
CA VAL A 296 -9.31 8.17 23.80
C VAL A 296 -9.25 9.62 24.26
N GLY A 297 -8.35 10.43 23.71
CA GLY A 297 -8.27 11.82 24.17
C GLY A 297 -9.48 12.67 23.82
N GLN A 298 -10.22 12.30 22.76
CA GLN A 298 -11.46 12.99 22.39
C GLN A 298 -12.50 12.95 23.51
N TYR A 299 -12.52 11.88 24.28
CA TYR A 299 -13.50 11.66 25.34
C TYR A 299 -12.93 11.92 26.74
N ALA A 300 -11.87 12.73 26.85
CA ALA A 300 -11.32 13.08 28.15
C ALA A 300 -12.33 13.84 28.98
N ASN A 301 -12.42 13.50 30.25
CA ASN A 301 -13.31 14.20 31.16
C ASN A 301 -12.69 15.56 31.52
N SER A 302 -13.54 16.46 32.02
CA SER A 302 -13.04 17.64 32.71
C SER A 302 -12.98 17.30 34.19
N LEU A 303 -11.80 17.46 34.81
CA LEU A 303 -11.55 16.92 36.14
C LEU A 303 -11.88 17.97 37.20
N GLU A 304 -12.67 17.62 38.20
CA GLU A 304 -13.15 18.56 39.19
C GLU A 304 -12.20 18.64 40.37
N LEU A 305 -12.06 19.85 40.91
CA LEU A 305 -11.22 20.08 42.08
C LEU A 305 -11.83 19.48 43.34
N GLY A 306 -11.02 18.73 44.10
CA GLY A 306 -11.45 18.14 45.35
C GLY A 306 -12.19 16.84 45.18
N CYS A 307 -12.57 16.51 43.96
CA CYS A 307 -13.31 15.29 43.66
C CYS A 307 -12.43 14.36 42.83
N ASP A 308 -11.98 14.81 41.66
CA ASP A 308 -11.09 14.01 40.84
C ASP A 308 -9.63 14.25 41.15
N CYS A 309 -9.26 15.47 41.53
CA CYS A 309 -7.87 15.81 41.82
C CYS A 309 -7.85 16.59 43.13
N LEU A 310 -7.00 16.17 44.08
CA LEU A 310 -7.00 16.68 45.44
C LEU A 310 -5.62 17.22 45.78
N GLY A 311 -5.60 18.39 46.38
CA GLY A 311 -4.38 19.07 46.71
C GLY A 311 -4.23 20.35 45.92
N ASP A 312 -2.99 20.76 45.74
CA ASP A 312 -2.67 21.98 45.00
C ASP A 312 -2.53 21.58 43.54
N ILE A 313 -3.58 21.82 42.75
CA ILE A 313 -3.69 21.29 41.38
C ILE A 313 -3.41 22.40 40.38
N THR A 314 -2.60 22.09 39.37
CA THR A 314 -2.42 22.92 38.18
C THR A 314 -3.00 22.14 37.02
N TYR A 315 -3.83 22.79 36.20
CA TYR A 315 -4.53 22.13 35.10
C TYR A 315 -3.94 22.55 33.76
N LEU A 316 -4.07 21.67 32.77
CA LEU A 316 -3.93 22.03 31.37
C LEU A 316 -5.25 21.77 30.67
N SER A 317 -5.57 22.62 29.68
CA SER A 317 -6.85 22.54 28.99
C SER A 317 -6.52 22.35 27.53
N PRO A 318 -6.32 21.12 27.08
CA PRO A 318 -5.88 20.90 25.71
C PRO A 318 -7.00 21.24 24.75
N VAL A 319 -6.58 21.70 23.57
CA VAL A 319 -7.48 22.07 22.48
C VAL A 319 -7.38 20.98 21.44
N ILE A 320 -8.53 20.52 20.96
CA ILE A 320 -8.62 19.59 19.85
C ILE A 320 -9.53 20.20 18.79
N SER A 321 -9.79 19.47 17.71
CA SER A 321 -10.69 19.90 16.64
C SER A 321 -11.98 19.10 16.70
N ASP A 322 -13.11 19.79 16.51
CA ASP A 322 -14.36 19.06 16.32
C ASP A 322 -14.39 18.59 14.88
N ALA A 323 -15.50 18.03 14.47
CA ALA A 323 -15.56 17.39 13.17
C ALA A 323 -15.63 18.40 12.03
N PHE A 324 -15.69 19.70 12.31
CA PHE A 324 -15.69 20.71 11.26
C PHE A 324 -14.46 21.61 11.33
N GLY A 325 -13.48 21.27 12.17
CA GLY A 325 -12.32 22.11 12.27
C GLY A 325 -12.47 23.27 13.21
N ASN A 326 -13.55 23.34 13.97
CA ASN A 326 -13.67 24.32 15.04
C ASN A 326 -12.87 23.89 16.27
N PRO A 327 -12.13 24.82 16.88
CA PRO A 327 -11.36 24.44 18.07
C PRO A 327 -12.30 24.13 19.21
N ARG A 328 -11.98 23.10 19.98
CA ARG A 328 -12.75 22.77 21.16
C ARG A 328 -11.80 22.63 22.34
N GLU A 329 -12.11 23.30 23.43
CA GLU A 329 -11.30 23.23 24.62
C GLU A 329 -11.81 22.09 25.51
N ILE A 330 -10.89 21.34 26.10
CA ILE A 330 -11.25 20.38 27.16
C ILE A 330 -10.81 21.08 28.45
N ARG A 331 -11.71 21.85 29.06
CA ARG A 331 -11.37 22.56 30.29
C ARG A 331 -10.96 21.57 31.38
N ASN A 332 -9.82 21.84 32.01
CA ASN A 332 -9.32 21.03 33.14
C ASN A 332 -9.24 19.55 32.81
N GLY A 333 -8.67 19.25 31.65
CA GLY A 333 -8.59 17.87 31.20
C GLY A 333 -7.36 17.12 31.71
N ILE A 334 -6.27 17.83 32.01
CA ILE A 334 -5.06 17.22 32.55
C ILE A 334 -4.83 17.79 33.95
N CYS A 335 -4.64 16.91 34.95
CA CYS A 335 -4.30 17.34 36.31
C CYS A 335 -2.82 17.12 36.53
N MET A 336 -2.18 18.02 37.29
CA MET A 336 -0.76 17.91 37.63
C MET A 336 -0.62 18.36 39.08
N HIS A 337 -0.04 17.51 39.90
CA HIS A 337 0.22 17.88 41.29
C HIS A 337 1.40 17.03 41.79
N GLU A 338 1.99 17.45 42.89
CA GLU A 338 2.95 16.57 43.55
C GLU A 338 2.29 15.90 44.75
N GLU A 339 2.82 14.75 45.14
CA GLU A 339 2.19 13.94 46.19
C GLU A 339 3.29 13.45 47.09
N ASP A 340 3.09 13.53 48.41
CA ASP A 340 3.97 12.84 49.36
C ASP A 340 3.92 11.34 49.09
N TRP A 341 5.06 10.69 49.20
CA TRP A 341 5.16 9.27 48.89
C TRP A 341 6.02 8.58 49.95
N GLY A 342 5.76 8.90 51.21
CA GLY A 342 6.33 8.09 52.28
C GLY A 342 7.81 8.34 52.48
N ILE A 343 8.53 7.30 52.88
CA ILE A 343 9.95 7.40 53.20
C ILE A 343 10.78 7.07 51.95
N LEU A 344 11.73 7.96 51.63
CA LEU A 344 12.66 7.73 50.53
C LEU A 344 13.84 6.87 50.94
N ALA A 345 14.42 7.13 52.11
CA ALA A 345 15.62 6.46 52.62
C ALA A 345 15.70 6.68 54.13
N LYS A 346 16.20 5.68 54.85
CA LYS A 346 16.19 5.75 56.30
C LYS A 346 17.27 4.79 56.79
N HIS A 347 18.11 5.24 57.74
CA HIS A 347 18.99 4.31 58.43
C HIS A 347 19.34 4.95 59.77
N SER A 348 19.29 4.17 60.84
CA SER A 348 19.84 4.56 62.16
C SER A 348 21.11 3.76 62.37
N ASP A 349 22.26 4.43 62.45
CA ASP A 349 23.48 3.65 62.51
C ASP A 349 23.97 3.54 63.97
N LEU A 350 24.17 2.31 64.43
CA LEU A 350 24.61 2.16 65.81
C LEU A 350 26.01 2.71 65.99
N TRP A 351 26.90 2.45 65.03
CA TRP A 351 28.31 2.75 65.21
C TRP A 351 28.65 4.24 65.10
N SER A 352 27.97 4.98 64.21
CA SER A 352 28.20 6.41 64.07
C SER A 352 27.25 7.26 64.90
N GLY A 353 26.15 6.69 65.38
CA GLY A 353 25.12 7.47 66.07
C GLY A 353 24.28 8.40 65.22
N ILE A 354 24.35 8.32 63.90
CA ILE A 354 23.58 9.25 63.05
C ILE A 354 22.22 8.61 62.73
N ASN A 355 21.14 9.34 62.96
CA ASN A 355 19.78 8.92 62.55
C ASN A 355 19.37 9.76 61.35
N TYR A 356 19.02 9.10 60.25
CA TYR A 356 18.83 9.75 58.95
C TYR A 356 17.52 9.25 58.38
N THR A 357 16.60 10.19 58.06
CA THR A 357 15.34 9.88 57.38
C THR A 357 15.10 10.94 56.31
N ARG A 358 14.67 10.51 55.11
CA ARG A 358 14.23 11.46 54.08
C ARG A 358 12.92 10.95 53.52
N ARG A 359 12.03 11.86 53.19
CA ARG A 359 10.74 11.51 52.61
C ARG A 359 10.79 11.60 51.09
N ASN A 360 10.00 10.74 50.44
CA ASN A 360 9.89 10.68 48.98
C ASN A 360 8.71 11.55 48.52
N ARG A 361 8.69 11.84 47.24
CA ARG A 361 7.60 12.61 46.63
C ARG A 361 7.44 12.11 45.21
N ARG A 362 6.25 12.32 44.64
CA ARG A 362 6.15 12.05 43.23
C ARG A 362 5.34 13.15 42.57
N MET A 363 5.65 13.37 41.31
CA MET A 363 4.79 14.25 40.58
C MET A 363 3.92 13.41 39.65
N VAL A 364 2.66 13.80 39.57
CA VAL A 364 1.59 13.03 38.94
C VAL A 364 1.04 13.85 37.78
N ILE A 365 0.98 13.23 36.61
CA ILE A 365 0.32 13.80 35.43
C ILE A 365 -0.76 12.84 35.00
N SER A 366 -2.02 13.27 35.03
CA SER A 366 -3.09 12.32 34.75
C SER A 366 -4.22 12.93 33.90
N PHE A 367 -4.97 12.02 33.26
CA PHE A 367 -6.22 12.41 32.63
C PHE A 367 -7.14 11.21 32.75
N PHE A 368 -8.43 11.43 32.49
CA PHE A 368 -9.39 10.34 32.68
C PHE A 368 -10.31 10.38 31.44
N THR A 369 -10.58 9.23 30.83
CA THR A 369 -11.46 9.20 29.66
C THR A 369 -12.65 8.27 29.91
N THR A 370 -13.79 8.54 29.21
CA THR A 370 -15.01 7.74 29.31
C THR A 370 -15.46 7.36 27.91
N ILE A 371 -15.48 6.07 27.59
CA ILE A 371 -16.02 5.55 26.33
C ILE A 371 -17.14 4.57 26.69
N GLY A 372 -18.40 4.99 26.51
CA GLY A 372 -19.55 4.14 26.80
C GLY A 372 -19.63 3.80 28.30
N ASN A 373 -19.54 2.53 28.65
CA ASN A 373 -19.62 2.13 30.08
C ASN A 373 -18.29 2.18 30.83
N TPQ A 374 -17.20 2.29 30.09
CA TPQ A 374 -15.85 2.24 30.69
CB TPQ A 374 -14.85 1.51 29.80
C TPQ A 374 -15.30 3.60 30.98
O TPQ A 374 -15.50 4.57 30.25
C1 TPQ A 374 -15.34 0.31 29.04
C2 TPQ A 374 -15.13 -1.00 29.70
O2 TPQ A 374 -14.63 -1.06 30.86
C3 TPQ A 374 -15.59 -2.20 28.99
C4 TPQ A 374 -16.17 -2.10 27.75
O4 TPQ A 374 -16.60 -3.22 27.10
C5 TPQ A 374 -16.39 -0.78 27.08
O5 TPQ A 374 -16.95 -0.77 25.97
C6 TPQ A 374 -15.92 0.41 27.83
N ASP A 375 -14.58 3.68 32.12
CA ASP A 375 -13.82 4.85 32.53
C ASP A 375 -12.38 4.43 32.81
N TYR A 376 -11.44 5.12 32.18
CA TYR A 376 -10.03 4.78 32.27
C TYR A 376 -9.25 6.01 32.70
N GLY A 377 -8.50 5.89 33.80
CA GLY A 377 -7.54 6.90 34.20
C GLY A 377 -6.14 6.54 33.74
N PHE A 378 -5.38 7.52 33.31
CA PHE A 378 -4.02 7.33 32.82
C PHE A 378 -3.13 8.15 33.72
N TYR A 379 -2.20 7.51 34.43
CA TYR A 379 -1.36 8.23 35.40
C TYR A 379 0.12 8.03 35.09
N TRP A 380 0.85 9.13 34.95
CA TRP A 380 2.31 9.11 34.86
C TRP A 380 2.88 9.66 36.16
N TYR A 381 3.91 9.00 36.66
CA TYR A 381 4.53 9.31 37.96
C TYR A 381 6.03 9.53 37.75
N LEU A 382 6.57 10.61 38.30
CA LEU A 382 8.02 10.84 38.32
C LEU A 382 8.43 10.92 39.78
N TYR A 383 9.44 10.15 40.18
CA TYR A 383 9.84 10.12 41.58
C TYR A 383 11.18 10.80 41.76
N LEU A 384 11.44 11.23 43.01
CA LEU A 384 12.72 11.89 43.34
C LEU A 384 13.91 11.06 42.94
N ASP A 385 13.82 9.75 43.07
CA ASP A 385 14.98 8.89 42.91
C ASP A 385 15.25 8.52 41.45
N GLY A 386 14.54 9.12 40.51
CA GLY A 386 14.77 8.81 39.11
C GLY A 386 13.83 7.75 38.52
N THR A 387 12.96 7.15 39.34
CA THR A 387 11.98 6.17 38.85
C THR A 387 10.89 6.84 37.99
N ILE A 388 10.52 6.16 36.90
CA ILE A 388 9.36 6.53 36.09
C ILE A 388 8.36 5.40 36.14
N GLU A 389 7.08 5.71 36.43
CA GLU A 389 6.03 4.69 36.53
C GLU A 389 4.79 5.11 35.75
N PHE A 390 4.13 4.15 35.16
CA PHE A 390 2.83 4.41 34.56
C PHE A 390 1.83 3.53 35.26
N GLU A 391 0.61 4.05 35.46
CA GLU A 391 -0.46 3.27 36.07
C GLU A 391 -1.77 3.55 35.35
N ALA A 392 -2.47 2.51 34.94
CA ALA A 392 -3.80 2.65 34.37
C ALA A 392 -4.80 2.27 35.45
N LYS A 393 -5.88 3.08 35.61
CA LYS A 393 -6.94 2.82 36.56
C LYS A 393 -8.22 2.54 35.78
N ALA A 394 -8.79 1.36 35.97
CA ALA A 394 -9.94 0.96 35.17
C ALA A 394 -11.14 0.96 36.11
N THR A 395 -12.18 1.73 35.76
CA THR A 395 -13.39 1.72 36.58
C THR A 395 -14.57 1.84 35.60
N GLY A 396 -15.72 2.33 36.07
CA GLY A 396 -16.91 2.42 35.22
C GLY A 396 -17.92 1.34 35.57
N VAL A 397 -18.78 0.95 34.62
CA VAL A 397 -19.79 -0.09 34.82
C VAL A 397 -19.42 -1.26 33.92
N VAL A 398 -19.47 -2.50 34.45
CA VAL A 398 -19.10 -3.63 33.62
C VAL A 398 -20.08 -3.75 32.45
N PHE A 399 -19.58 -4.28 31.35
CA PHE A 399 -20.43 -4.61 30.22
C PHE A 399 -21.19 -5.88 30.54
N THR A 400 -22.51 -5.87 30.31
CA THR A 400 -23.37 -6.93 30.85
C THR A 400 -24.04 -7.71 29.74
N SER A 401 -24.66 -8.80 30.21
CA SER A 401 -25.38 -9.75 29.39
C SER A 401 -26.42 -10.42 30.29
N ALA A 402 -27.15 -11.35 29.71
CA ALA A 402 -27.97 -12.27 30.49
C ALA A 402 -27.08 -13.35 31.08
N PHE A 403 -27.45 -13.86 32.26
CA PHE A 403 -26.76 -15.02 32.79
C PHE A 403 -27.58 -16.26 32.45
N PRO A 404 -27.05 -17.22 31.68
CA PRO A 404 -27.87 -18.37 31.26
C PRO A 404 -28.15 -19.31 32.41
N GLU A 405 -29.37 -19.83 32.47
CA GLU A 405 -29.81 -20.55 33.67
C GLU A 405 -28.96 -21.80 33.91
N GLY A 406 -28.43 -22.38 32.84
CA GLY A 406 -27.45 -23.44 33.10
C GLY A 406 -26.14 -22.96 33.71
N GLY A 407 -25.87 -21.65 33.76
CA GLY A 407 -24.54 -21.17 34.09
C GLY A 407 -23.68 -21.04 32.85
N SER A 408 -22.44 -20.60 33.05
CA SER A 408 -21.52 -20.32 31.95
C SER A 408 -20.09 -20.45 32.42
N ASP A 409 -19.21 -20.89 31.53
CA ASP A 409 -17.77 -20.90 31.80
C ASP A 409 -17.08 -19.61 31.39
N ASN A 410 -17.79 -18.65 30.79
CA ASN A 410 -17.19 -17.47 30.17
C ASN A 410 -17.83 -16.18 30.61
N ILE A 411 -18.71 -16.26 31.60
CA ILE A 411 -19.54 -15.16 32.08
C ILE A 411 -19.68 -15.34 33.57
N SER A 412 -19.64 -14.26 34.35
CA SER A 412 -20.01 -14.46 35.75
C SER A 412 -21.29 -13.71 36.11
N GLN A 413 -21.89 -14.16 37.21
CA GLN A 413 -23.19 -13.65 37.64
C GLN A 413 -23.00 -12.54 38.67
N LEU A 414 -23.58 -11.37 38.40
CA LEU A 414 -23.51 -10.19 39.25
C LEU A 414 -24.73 -9.97 40.13
N ALA A 415 -25.87 -10.53 39.72
CA ALA A 415 -27.18 -10.27 40.26
C ALA A 415 -28.15 -11.23 39.58
N PRO A 416 -29.40 -11.44 40.14
CA PRO A 416 -30.30 -12.44 39.53
C PRO A 416 -30.53 -12.22 38.03
N GLY A 417 -30.18 -13.20 37.20
CA GLY A 417 -30.33 -13.14 35.76
C GLY A 417 -29.29 -12.32 35.01
N LEU A 418 -28.34 -11.69 35.70
CA LEU A 418 -27.44 -10.70 35.12
C LEU A 418 -26.01 -11.24 35.10
N GLY A 419 -25.41 -11.23 33.91
CA GLY A 419 -24.06 -11.74 33.71
C GLY A 419 -23.08 -10.66 33.28
N ALA A 420 -21.76 -10.95 33.39
CA ALA A 420 -20.73 -10.04 32.89
C ALA A 420 -19.68 -10.89 32.21
N PRO A 421 -19.60 -10.87 30.87
CA PRO A 421 -18.64 -11.74 30.22
C PRO A 421 -17.19 -11.40 30.60
N PHE A 422 -16.35 -12.43 30.60
CA PHE A 422 -14.92 -12.31 30.82
C PHE A 422 -14.26 -11.51 29.69
N HIS A 423 -13.22 -10.77 30.02
CA HIS A 423 -12.56 -9.92 29.02
C HIS A 423 -11.17 -9.54 29.53
N GLN A 424 -10.40 -8.84 28.70
CA GLN A 424 -9.14 -8.26 29.15
C GLN A 424 -9.14 -6.78 28.81
N HIS A 425 -8.27 -6.01 29.50
CA HIS A 425 -7.98 -4.64 29.08
C HIS A 425 -6.46 -4.61 28.89
N ILE A 426 -5.98 -4.43 27.64
CA ILE A 426 -4.56 -4.56 27.34
C ILE A 426 -4.04 -3.27 26.74
N PHE A 427 -2.89 -2.81 27.23
CA PHE A 427 -2.31 -1.53 26.85
C PHE A 427 -1.01 -1.79 26.11
N SER A 428 -0.63 -0.86 25.24
CA SER A 428 0.71 -0.92 24.63
C SER A 428 1.41 0.40 24.93
N ALA A 429 2.53 0.35 25.71
CA ALA A 429 3.30 1.58 25.93
C ALA A 429 4.39 1.66 24.85
N ARG A 430 4.52 2.80 24.22
CA ARG A 430 5.58 2.98 23.23
C ARG A 430 6.57 3.95 23.83
N LEU A 431 7.81 3.50 24.01
CA LEU A 431 8.83 4.26 24.70
C LEU A 431 9.98 4.50 23.71
N ASP A 432 10.02 5.70 23.18
CA ASP A 432 11.09 6.12 22.26
C ASP A 432 12.25 6.52 23.18
N MET A 433 13.20 5.60 23.33
CA MET A 433 14.21 5.67 24.38
C MET A 433 15.31 6.64 23.98
N ALA A 434 15.86 7.35 24.97
CA ALA A 434 16.99 8.25 24.70
C ALA A 434 17.91 8.29 25.93
N ILE A 435 18.33 7.11 26.40
CA ILE A 435 19.17 6.97 27.59
C ILE A 435 20.49 7.68 27.30
N ASP A 436 20.71 8.87 27.86
CA ASP A 436 21.94 9.63 27.61
C ASP A 436 22.20 9.83 26.11
N GLY A 437 21.14 10.10 25.33
CA GLY A 437 21.26 10.22 23.88
C GLY A 437 20.59 9.06 23.17
N PHE A 438 20.75 9.03 21.83
CA PHE A 438 20.02 8.12 20.96
C PHE A 438 20.74 6.82 20.66
N THR A 439 21.98 6.62 21.11
CA THR A 439 22.64 5.32 20.90
C THR A 439 22.26 4.41 22.07
N ASN A 440 21.24 3.55 21.90
CA ASN A 440 20.74 2.70 22.98
C ASN A 440 20.71 1.23 22.57
N ARG A 441 20.70 0.34 23.56
CA ARG A 441 20.44 -1.07 23.29
C ARG A 441 19.63 -1.65 24.43
N VAL A 442 19.05 -2.83 24.18
CA VAL A 442 18.23 -3.56 25.15
C VAL A 442 18.89 -4.89 25.45
N GLU A 443 19.08 -5.18 26.75
CA GLU A 443 19.48 -6.49 27.22
C GLU A 443 18.34 -7.13 28.02
N GLU A 444 18.20 -8.44 27.89
CA GLU A 444 17.26 -9.18 28.73
C GLU A 444 18.06 -9.82 29.86
N GLU A 445 17.61 -9.62 31.10
CA GLU A 445 18.31 -10.03 32.30
C GLU A 445 17.49 -11.09 33.01
N ASP A 446 18.08 -12.27 33.22
CA ASP A 446 17.45 -13.38 33.91
C ASP A 446 18.27 -13.68 35.16
N VAL A 447 17.61 -14.06 36.26
CA VAL A 447 18.37 -14.61 37.39
C VAL A 447 18.91 -15.98 36.98
N VAL A 448 20.08 -16.35 37.50
CA VAL A 448 20.72 -17.61 37.15
C VAL A 448 20.93 -18.45 38.42
N ARG A 449 20.34 -19.64 38.42
CA ARG A 449 20.43 -20.64 39.48
C ARG A 449 21.76 -21.35 39.32
N GLN A 450 22.46 -21.62 40.41
CA GLN A 450 23.74 -22.32 40.28
C GLN A 450 23.67 -23.63 41.05
N THR A 451 24.34 -24.64 40.53
CA THR A 451 24.31 -25.94 41.18
C THR A 451 25.42 -26.04 42.21
N MET A 452 25.15 -26.75 43.30
CA MET A 452 26.15 -27.00 44.32
C MET A 452 27.28 -27.85 43.76
N GLY A 453 28.50 -27.51 44.10
CA GLY A 453 29.64 -28.20 43.56
C GLY A 453 30.91 -27.39 43.69
N PRO A 454 31.89 -27.67 42.84
CA PRO A 454 33.17 -26.95 42.93
C PRO A 454 33.02 -25.49 42.51
N GLY A 455 33.58 -24.59 43.32
CA GLY A 455 33.35 -23.17 43.18
C GLY A 455 32.14 -22.66 43.93
N ASN A 456 31.24 -23.53 44.36
CA ASN A 456 30.00 -23.18 45.00
C ASN A 456 29.71 -24.28 46.03
N GLU A 457 30.60 -24.41 47.02
CA GLU A 457 30.61 -25.62 47.82
C GLU A 457 29.44 -25.69 48.78
N ARG A 458 28.91 -24.55 49.25
CA ARG A 458 27.78 -24.57 50.16
C ARG A 458 26.44 -24.38 49.43
N GLY A 459 26.46 -24.35 48.09
CA GLY A 459 25.25 -24.26 47.26
C GLY A 459 24.43 -23.01 47.47
N ASN A 460 25.07 -21.90 47.82
CA ASN A 460 24.40 -20.66 48.14
C ASN A 460 24.47 -19.63 47.04
N ALA A 461 25.31 -19.85 46.02
CA ALA A 461 25.55 -18.85 44.99
C ALA A 461 24.38 -18.72 44.01
N PHE A 462 24.21 -17.50 43.51
CA PHE A 462 23.33 -17.30 42.38
C PHE A 462 23.82 -16.05 41.68
N SER A 463 23.37 -15.88 40.45
CA SER A 463 23.96 -14.94 39.55
C SER A 463 22.85 -14.34 38.70
N ARG A 464 23.24 -13.75 37.57
CA ARG A 464 22.31 -13.14 36.63
C ARG A 464 23.01 -13.21 35.28
N LYS A 465 22.24 -13.32 34.21
CA LYS A 465 22.82 -13.18 32.87
C LYS A 465 22.07 -12.11 32.08
N ARG A 466 22.80 -11.40 31.24
CA ARG A 466 22.25 -10.43 30.32
C ARG A 466 22.48 -10.85 28.87
N THR A 467 21.41 -10.85 28.08
CA THR A 467 21.46 -11.19 26.66
C THR A 467 21.12 -9.95 25.82
N VAL A 468 22.07 -9.48 24.99
CA VAL A 468 21.84 -8.34 24.10
C VAL A 468 20.94 -8.73 22.95
N LEU A 469 19.92 -7.92 22.67
CA LEU A 469 19.08 -8.07 21.49
C LEU A 469 19.67 -7.23 20.35
N THR A 470 20.13 -7.88 19.30
CA THR A 470 20.94 -7.15 18.30
C THR A 470 20.18 -6.80 17.03
N ARG A 471 19.18 -7.59 16.66
CA ARG A 471 18.35 -7.38 15.46
C ARG A 471 16.88 -7.46 15.85
N GLU A 472 16.03 -6.81 15.04
CA GLU A 472 14.62 -6.74 15.40
C GLU A 472 13.98 -8.11 15.47
N SER A 473 14.44 -9.06 14.66
CA SER A 473 13.87 -10.41 14.63
C SER A 473 14.15 -11.18 15.91
N GLU A 474 15.08 -10.70 16.73
CA GLU A 474 15.39 -11.29 18.01
C GLU A 474 14.63 -10.61 19.12
N ALA A 475 14.00 -9.48 18.82
CA ALA A 475 13.57 -8.57 19.85
C ALA A 475 12.08 -8.69 20.13
N VAL A 476 11.49 -9.87 19.98
CA VAL A 476 10.13 -10.12 20.42
C VAL A 476 10.24 -11.06 21.61
N ARG A 477 10.00 -10.53 22.80
CA ARG A 477 10.34 -11.25 24.04
C ARG A 477 9.09 -11.52 24.87
N GLU A 478 9.13 -12.55 25.69
CA GLU A 478 8.06 -12.75 26.65
C GLU A 478 8.57 -12.73 28.09
N ALA A 479 7.63 -12.53 29.01
CA ALA A 479 7.95 -12.44 30.43
C ALA A 479 8.40 -13.79 30.98
N ASP A 480 9.08 -13.76 32.11
CA ASP A 480 9.32 -15.00 32.86
C ASP A 480 9.50 -14.60 34.33
N ALA A 481 8.38 -14.48 35.05
CA ALA A 481 8.41 -14.02 36.44
C ALA A 481 9.23 -14.95 37.32
N ARG A 482 9.27 -16.22 36.96
CA ARG A 482 9.97 -17.23 37.75
C ARG A 482 11.49 -17.03 37.73
N THR A 483 12.02 -16.44 36.65
CA THR A 483 13.43 -16.09 36.56
C THR A 483 13.68 -14.63 36.84
N GLY A 484 12.68 -13.90 37.36
CA GLY A 484 12.89 -12.49 37.70
C GLY A 484 13.22 -11.63 36.49
N ARG A 485 12.71 -12.01 35.32
CA ARG A 485 13.14 -11.40 34.07
C ARG A 485 12.77 -9.91 33.99
N THR A 486 13.75 -9.09 33.59
CA THR A 486 13.61 -7.65 33.37
C THR A 486 14.38 -7.31 32.09
N TRP A 487 14.22 -6.08 31.60
CA TRP A 487 14.94 -5.62 30.41
C TRP A 487 15.67 -4.34 30.76
N ILE A 488 16.95 -4.23 30.36
CA ILE A 488 17.75 -3.05 30.64
C ILE A 488 17.98 -2.28 29.35
N ILE A 489 17.69 -0.98 29.36
CA ILE A 489 17.99 -0.14 28.21
C ILE A 489 19.21 0.68 28.58
N SER A 490 20.29 0.52 27.82
CA SER A 490 21.55 1.16 28.15
C SER A 490 22.10 1.91 26.95
N ASN A 491 23.12 2.73 27.22
CA ASN A 491 23.86 3.44 26.17
C ASN A 491 25.28 2.93 26.25
N PRO A 492 25.73 2.10 25.29
CA PRO A 492 27.09 1.51 25.39
C PRO A 492 28.21 2.52 25.23
N GLU A 493 27.90 3.75 24.82
CA GLU A 493 28.87 4.81 24.57
C GLU A 493 28.90 5.83 25.69
N SER A 494 28.11 5.63 26.74
CA SER A 494 28.08 6.56 27.86
C SER A 494 28.28 5.72 29.13
N LYS A 495 29.40 5.92 29.81
CA LYS A 495 29.70 5.11 30.98
C LYS A 495 29.62 5.95 32.25
N ASN A 496 29.22 5.29 33.35
CA ASN A 496 29.29 5.93 34.66
C ASN A 496 30.76 5.86 35.16
N ARG A 497 31.01 6.34 36.38
CA ARG A 497 32.39 6.47 36.86
C ARG A 497 33.05 5.12 37.12
N LEU A 498 32.27 4.05 37.23
CA LEU A 498 32.86 2.72 37.30
C LEU A 498 33.14 2.15 35.92
N ASN A 499 32.95 2.96 34.87
CA ASN A 499 33.17 2.49 33.51
C ASN A 499 32.21 1.37 33.10
N GLU A 500 30.95 1.41 33.61
CA GLU A 500 29.91 0.55 33.04
C GLU A 500 28.87 1.38 32.28
N PRO A 501 28.23 0.82 31.24
CA PRO A 501 27.21 1.59 30.51
C PRO A 501 26.08 2.05 31.43
N VAL A 502 25.61 3.27 31.19
CA VAL A 502 24.48 3.80 31.94
C VAL A 502 23.23 3.09 31.45
N GLY A 503 22.24 2.93 32.35
CA GLY A 503 21.08 2.15 31.95
C GLY A 503 19.88 2.40 32.83
N TYR A 504 18.73 2.00 32.32
CA TYR A 504 17.47 1.99 33.04
C TYR A 504 16.89 0.58 32.92
N LYS A 505 16.30 0.08 34.01
CA LYS A 505 15.74 -1.27 34.03
C LYS A 505 14.22 -1.21 33.97
N LEU A 506 13.60 -2.03 33.12
CA LEU A 506 12.14 -2.05 33.00
C LEU A 506 11.61 -3.21 33.81
N HIS A 507 10.74 -2.91 34.75
CA HIS A 507 10.09 -3.88 35.64
C HIS A 507 8.65 -3.97 35.20
N ALA A 508 8.26 -5.13 34.69
CA ALA A 508 6.90 -5.40 34.27
C ALA A 508 6.14 -6.08 35.41
N HIS A 509 4.81 -6.07 35.30
CA HIS A 509 3.94 -6.71 36.30
C HIS A 509 3.70 -8.17 35.97
N ASN A 510 4.02 -8.58 34.74
CA ASN A 510 4.00 -9.99 34.37
C ASN A 510 2.58 -10.57 34.39
N GLN A 511 1.58 -9.73 34.05
CA GLN A 511 0.23 -10.21 33.91
C GLN A 511 0.11 -11.03 32.62
N PRO A 512 -0.92 -11.85 32.50
CA PRO A 512 -1.12 -12.62 31.25
C PRO A 512 -1.29 -11.69 30.05
N THR A 513 -0.82 -12.16 28.90
CA THR A 513 -0.98 -11.42 27.66
C THR A 513 -2.26 -11.93 26.98
N LEU A 514 -2.40 -11.68 25.68
CA LEU A 514 -3.67 -11.94 24.97
C LEU A 514 -4.02 -13.41 25.02
N LEU A 515 -5.21 -13.73 25.51
CA LEU A 515 -5.56 -15.12 25.71
C LEU A 515 -6.18 -15.80 24.48
N ALA A 516 -6.72 -15.03 23.54
CA ALA A 516 -7.43 -15.60 22.41
C ALA A 516 -6.53 -16.57 21.64
N ASP A 517 -7.18 -17.55 21.06
CA ASP A 517 -6.49 -18.53 20.23
C ASP A 517 -5.61 -17.82 19.19
N PRO A 518 -4.39 -18.31 18.95
CA PRO A 518 -3.52 -17.62 17.99
C PRO A 518 -4.05 -17.60 16.55
N GLY A 519 -5.06 -18.42 16.22
CA GLY A 519 -5.63 -18.31 14.89
C GLY A 519 -6.81 -17.36 14.79
N SER A 520 -7.15 -16.67 15.88
CA SER A 520 -8.35 -15.85 15.87
C SER A 520 -8.12 -14.55 15.09
N SER A 521 -9.23 -13.88 14.78
CA SER A 521 -9.16 -12.59 14.11
C SER A 521 -8.52 -11.56 15.02
N ILE A 522 -8.82 -11.63 16.32
CA ILE A 522 -8.29 -10.66 17.24
C ILE A 522 -6.79 -10.88 17.45
N ALA A 523 -6.28 -12.10 17.38
CA ALA A 523 -4.83 -12.30 17.52
C ALA A 523 -4.07 -11.72 16.34
N ARG A 524 -4.70 -11.70 15.15
CA ARG A 524 -4.10 -11.05 13.98
C ARG A 524 -4.12 -9.53 14.10
N ARG A 525 -5.26 -8.95 14.49
CA ARG A 525 -5.37 -7.50 14.59
C ARG A 525 -4.61 -6.94 15.80
N ALA A 526 -4.46 -7.73 16.85
CA ALA A 526 -3.79 -7.29 18.08
C ALA A 526 -2.57 -8.17 18.35
N ALA A 527 -1.79 -8.42 17.28
CA ALA A 527 -0.51 -9.12 17.34
C ALA A 527 0.39 -8.58 18.43
N PHE A 528 0.44 -7.25 18.61
CA PHE A 528 1.29 -6.64 19.64
C PHE A 528 0.99 -7.23 21.02
N ALA A 529 -0.27 -7.61 21.26
CA ALA A 529 -0.76 -7.96 22.60
C ALA A 529 -0.41 -9.37 22.98
N THR A 530 0.16 -10.14 22.05
CA THR A 530 0.56 -11.54 22.25
C THR A 530 1.95 -11.70 22.83
N LYS A 531 2.72 -10.60 22.93
CA LYS A 531 4.07 -10.65 23.52
C LYS A 531 4.26 -9.45 24.44
N ASP A 532 5.11 -9.61 25.45
CA ASP A 532 5.30 -8.59 26.47
C ASP A 532 6.15 -7.42 25.98
N LEU A 533 7.13 -7.67 25.11
CA LEU A 533 8.16 -6.69 24.84
C LEU A 533 8.58 -6.81 23.37
N TRP A 534 8.55 -5.68 22.64
CA TRP A 534 9.06 -5.58 21.27
C TRP A 534 10.02 -4.42 21.21
N VAL A 535 11.07 -4.55 20.40
CA VAL A 535 12.01 -3.46 20.22
C VAL A 535 12.14 -3.18 18.73
N THR A 536 11.95 -1.94 18.33
CA THR A 536 12.15 -1.61 16.93
C THR A 536 13.19 -0.51 16.79
N ARG A 537 13.78 -0.47 15.60
CA ARG A 537 14.55 0.69 15.15
C ARG A 537 13.61 1.86 14.91
N TYR A 538 13.97 3.04 15.39
CA TYR A 538 13.07 4.17 15.18
C TYR A 538 12.87 4.45 13.69
N ALA A 539 11.66 4.85 13.31
CA ALA A 539 11.31 5.41 12.00
C ALA A 539 10.08 6.29 12.15
N ASP A 540 10.08 7.46 11.49
CA ASP A 540 9.07 8.49 11.73
C ASP A 540 7.66 8.00 11.47
N ASP A 541 7.47 7.04 10.57
CA ASP A 541 6.12 6.64 10.19
C ASP A 541 5.66 5.38 10.96
N GLU A 542 6.43 4.90 11.94
CA GLU A 542 6.09 3.69 12.68
C GLU A 542 5.61 4.09 14.07
N ARG A 543 4.36 4.56 14.16
CA ARG A 543 3.89 5.22 15.38
C ARG A 543 2.98 4.37 16.25
N TYR A 544 2.22 3.44 15.67
CA TYR A 544 1.25 2.71 16.47
C TYR A 544 1.44 1.22 16.22
N PRO A 545 1.20 0.39 17.23
CA PRO A 545 1.59 -1.02 17.11
C PRO A 545 0.63 -1.80 16.26
N THR A 546 -0.46 -1.16 15.89
CA THR A 546 -1.52 -1.73 15.09
C THR A 546 -1.67 -1.02 13.75
N GLY A 547 -0.76 -0.09 13.42
CA GLY A 547 -0.89 0.72 12.22
C GLY A 547 -1.77 1.95 12.40
N ASP A 548 -1.86 2.73 11.30
CA ASP A 548 -2.52 4.04 11.34
C ASP A 548 -4.03 3.95 11.28
N PHE A 549 -4.60 2.90 10.67
CA PHE A 549 -6.05 2.79 10.48
C PHE A 549 -6.51 1.47 11.04
N VAL A 550 -6.91 1.50 12.32
CA VAL A 550 -7.24 0.27 13.02
C VAL A 550 -8.64 -0.21 12.67
N ASN A 551 -9.60 0.70 12.58
CA ASN A 551 -11.01 0.34 12.36
C ASN A 551 -11.17 -0.52 11.11
N GLN A 552 -11.69 -1.74 11.32
CA GLN A 552 -12.00 -2.74 10.29
C GLN A 552 -10.78 -3.11 9.45
N HIS A 553 -9.58 -3.02 10.00
CA HIS A 553 -8.43 -3.42 9.21
C HIS A 553 -8.19 -4.91 9.45
N SER A 554 -7.70 -5.58 8.42
CA SER A 554 -7.27 -6.97 8.54
C SER A 554 -6.11 -7.04 9.53
N GLY A 555 -5.57 -8.21 9.79
CA GLY A 555 -4.46 -8.27 10.71
C GLY A 555 -3.16 -7.84 10.08
N GLY A 556 -2.07 -8.02 10.83
CA GLY A 556 -0.73 -7.88 10.29
C GLY A 556 -0.10 -6.52 10.41
N ALA A 557 -0.89 -5.45 10.34
CA ALA A 557 -0.30 -4.12 10.32
C ALA A 557 0.37 -3.79 11.66
N GLY A 558 1.30 -2.85 11.60
CA GLY A 558 1.97 -2.52 12.83
C GLY A 558 3.16 -3.41 13.07
N LEU A 559 3.30 -3.82 14.34
CA LEU A 559 4.56 -4.37 14.83
C LEU A 559 5.03 -5.57 14.05
N PRO A 560 4.20 -6.56 13.72
CA PRO A 560 4.77 -7.69 13.00
C PRO A 560 5.25 -7.28 11.62
N SER A 561 4.78 -6.15 11.06
CA SER A 561 5.33 -5.67 9.79
C SER A 561 6.63 -4.92 9.99
N TYR A 562 6.71 -4.08 11.03
CA TYR A 562 7.94 -3.35 11.29
C TYR A 562 9.11 -4.32 11.52
N ILE A 563 8.98 -5.24 12.48
CA ILE A 563 10.11 -6.11 12.85
C ILE A 563 10.58 -7.01 11.72
N ALA A 564 9.77 -7.22 10.67
CA ALA A 564 10.19 -8.04 9.54
C ALA A 564 11.38 -7.43 8.77
N GLN A 565 11.56 -6.11 8.87
CA GLN A 565 12.73 -5.46 8.28
C GLN A 565 14.05 -5.89 8.93
N ASP A 566 14.01 -6.51 10.12
CA ASP A 566 15.21 -7.09 10.76
C ASP A 566 16.36 -6.11 10.82
N ARG A 567 16.07 -4.89 11.28
CA ARG A 567 17.06 -3.84 11.38
C ARG A 567 17.97 -3.98 12.62
N ASP A 568 19.12 -3.31 12.56
CA ASP A 568 20.11 -3.28 13.63
C ASP A 568 19.57 -2.43 14.79
N ILE A 569 19.61 -2.98 16.02
CA ILE A 569 19.12 -2.25 17.18
C ILE A 569 20.15 -2.31 18.30
N ASP A 570 21.40 -2.67 17.98
CA ASP A 570 22.48 -2.75 18.96
C ASP A 570 23.22 -1.43 18.97
N GLY A 571 22.87 -0.57 19.91
CA GLY A 571 23.47 0.75 19.93
C GLY A 571 22.92 1.69 18.87
N GLN A 572 21.59 1.78 18.77
CA GLN A 572 20.96 2.55 17.71
C GLN A 572 19.81 3.34 18.30
N ASP A 573 19.09 4.06 17.43
CA ASP A 573 17.94 4.88 17.83
C ASP A 573 16.73 3.93 17.89
N ILE A 574 16.30 3.54 19.11
CA ILE A 574 15.38 2.42 19.24
C ILE A 574 14.11 2.83 20.00
N VAL A 575 13.11 1.96 19.86
CA VAL A 575 11.77 2.15 20.43
C VAL A 575 11.38 0.85 21.11
N VAL A 576 10.99 0.93 22.39
CA VAL A 576 10.54 -0.22 23.16
C VAL A 576 9.02 -0.19 23.24
N TRP A 577 8.38 -1.31 22.94
CA TRP A 577 6.91 -1.41 23.05
C TRP A 577 6.58 -2.45 24.12
N HIS A 578 5.93 -2.03 25.20
CA HIS A 578 5.63 -2.94 26.30
C HIS A 578 4.12 -3.14 26.39
N THR A 579 3.71 -4.40 26.27
CA THR A 579 2.34 -4.86 26.43
C THR A 579 2.09 -5.21 27.88
N PHE A 580 0.99 -4.72 28.45
CA PHE A 580 0.60 -5.04 29.83
C PHE A 580 -0.91 -4.90 29.95
N GLY A 581 -1.53 -5.71 30.81
CA GLY A 581 -2.96 -5.53 30.91
C GLY A 581 -3.58 -6.31 32.06
N LEU A 582 -4.90 -6.15 32.15
CA LEU A 582 -5.71 -6.77 33.20
C LEU A 582 -6.57 -7.86 32.62
N THR A 583 -6.65 -8.99 33.29
CA THR A 583 -7.58 -10.04 32.87
C THR A 583 -8.75 -9.95 33.85
N HIS A 584 -9.94 -9.58 33.36
CA HIS A 584 -11.03 -9.19 34.25
C HIS A 584 -12.07 -10.30 34.27
N PHE A 585 -12.12 -11.05 35.39
CA PHE A 585 -13.20 -11.97 35.71
C PHE A 585 -14.13 -11.22 36.65
N PRO A 586 -15.26 -10.72 36.19
CA PRO A 586 -16.06 -9.83 37.03
C PRO A 586 -16.52 -10.53 38.29
N ARG A 587 -16.52 -9.78 39.36
CA ARG A 587 -16.98 -10.30 40.65
C ARG A 587 -18.18 -9.49 41.10
N VAL A 588 -18.88 -10.02 42.12
CA VAL A 588 -20.11 -9.35 42.56
C VAL A 588 -19.80 -7.95 43.05
N GLU A 589 -18.63 -7.76 43.65
CA GLU A 589 -18.23 -6.44 44.13
C GLU A 589 -18.03 -5.43 43.02
N ASP A 590 -17.94 -5.89 41.76
CA ASP A 590 -17.84 -4.94 40.65
C ASP A 590 -19.17 -4.29 40.30
N TRP A 591 -20.26 -4.75 40.91
CA TRP A 591 -21.63 -4.31 40.54
C TRP A 591 -22.23 -3.48 41.68
N PRO A 592 -22.90 -2.34 41.41
CA PRO A 592 -23.32 -1.81 40.07
C PRO A 592 -22.44 -0.72 39.49
N ILE A 593 -21.43 -0.32 40.24
CA ILE A 593 -20.34 0.49 39.72
C ILE A 593 -19.04 -0.03 40.33
N MET A 594 -17.98 -0.05 39.52
CA MET A 594 -16.86 -0.93 39.94
C MET A 594 -15.73 -0.15 40.63
N PRO A 595 -15.14 -0.72 41.69
CA PRO A 595 -13.97 -0.10 42.32
C PRO A 595 -12.81 -0.14 41.35
N VAL A 596 -11.94 0.87 41.44
CA VAL A 596 -10.77 0.93 40.54
C VAL A 596 -9.91 -0.30 40.68
N ASP A 597 -9.50 -0.87 39.54
CA ASP A 597 -8.38 -1.84 39.50
C ASP A 597 -7.24 -1.26 38.64
N THR A 598 -6.00 -1.69 38.92
CA THR A 598 -4.84 -1.00 38.36
C THR A 598 -3.88 -1.97 37.69
N VAL A 599 -3.13 -1.48 36.68
CA VAL A 599 -2.00 -2.23 36.13
C VAL A 599 -1.01 -1.20 35.58
N GLY A 600 0.24 -1.60 35.41
CA GLY A 600 1.23 -0.64 35.00
C GLY A 600 2.61 -1.24 34.81
N PHE A 601 3.60 -0.36 34.83
CA PHE A 601 5.00 -0.77 34.71
C PHE A 601 5.86 0.35 35.27
N LYS A 602 7.14 0.06 35.50
CA LYS A 602 8.00 1.16 35.92
C LYS A 602 9.40 0.96 35.34
N LEU A 603 10.15 2.04 35.34
CA LEU A 603 11.55 2.02 34.94
C LEU A 603 12.38 2.65 36.03
N ARG A 604 13.44 1.95 36.48
CA ARG A 604 14.28 2.46 37.54
C ARG A 604 15.71 2.61 37.02
N PRO A 605 16.46 3.58 37.52
CA PRO A 605 17.86 3.71 37.06
C PRO A 605 18.65 2.50 37.51
N GLU A 606 19.60 2.09 36.61
CA GLU A 606 20.43 0.90 36.75
C GLU A 606 21.87 1.33 36.38
N GLY A 607 22.56 1.98 37.33
CA GLY A 607 23.89 2.53 37.05
C GLY A 607 23.87 3.72 36.10
N PHE A 608 22.73 4.43 36.01
CA PHE A 608 22.68 5.68 35.26
C PHE A 608 23.45 6.77 35.99
N PHE A 609 23.32 6.80 37.31
CA PHE A 609 23.98 7.79 38.13
C PHE A 609 25.27 7.18 38.73
N ASP A 610 26.10 8.03 39.27
CA ASP A 610 27.36 7.62 39.86
C ASP A 610 27.25 7.27 41.35
N ARG A 611 26.12 7.60 41.97
CA ARG A 611 25.76 7.29 43.36
C ARG A 611 24.29 7.68 43.48
N SER A 612 23.69 7.51 44.66
CA SER A 612 22.29 7.87 44.80
C SER A 612 22.05 9.29 44.29
N PRO A 613 21.05 9.52 43.43
CA PRO A 613 20.79 10.90 42.97
C PRO A 613 20.00 11.75 43.95
N VAL A 614 19.71 11.25 45.16
CA VAL A 614 18.91 11.98 46.14
C VAL A 614 19.67 12.26 47.46
N LEU A 615 21.00 12.41 47.39
CA LEU A 615 21.75 12.82 48.59
C LEU A 615 21.51 14.27 48.98
N ASP A 616 21.06 15.12 48.05
CA ASP A 616 20.92 16.55 48.29
C ASP A 616 19.50 16.94 48.69
N VAL A 617 18.63 15.96 48.92
CA VAL A 617 17.28 16.23 49.42
C VAL A 617 17.38 16.61 50.89
N PRO A 618 16.66 17.64 51.35
CA PRO A 618 16.85 18.12 52.72
C PRO A 618 15.95 17.42 53.74
N ALA A 619 16.44 17.44 54.98
CA ALA A 619 15.62 17.14 56.13
C ALA A 619 14.29 17.88 56.05
N ASN A 620 13.23 17.23 56.47
CA ASN A 620 11.92 17.77 56.22
C ASN A 620 11.67 18.97 57.16
N PRO A 621 10.93 20.00 56.68
CA PRO A 621 10.55 21.20 57.45
C PRO A 621 9.66 20.94 58.69
N ALA B 1 -16.66 1.08 -5.52
CA ALA B 1 -15.97 1.34 -6.78
C ALA B 1 -15.88 0.06 -7.65
N SER B 2 -15.08 0.12 -8.72
CA SER B 2 -14.99 -0.94 -9.72
C SER B 2 -13.90 -1.96 -9.36
N PRO B 3 -14.09 -3.26 -9.60
CA PRO B 3 -12.97 -4.22 -9.52
C PRO B 3 -11.89 -4.03 -10.58
N PHE B 4 -12.13 -3.19 -11.59
CA PHE B 4 -11.11 -2.87 -12.60
C PHE B 4 -10.41 -1.56 -12.32
N ARG B 5 -10.61 -1.01 -11.13
CA ARG B 5 -9.94 0.21 -10.76
C ARG B 5 -8.41 -0.01 -10.69
N LEU B 6 -7.69 1.09 -10.85
CA LEU B 6 -6.25 1.09 -10.74
C LEU B 6 -5.84 0.76 -9.30
N ALA B 7 -4.72 0.06 -9.17
CA ALA B 7 -4.09 -0.10 -7.87
C ALA B 7 -3.73 1.25 -7.26
N SER B 8 -3.98 1.41 -5.97
CA SER B 8 -3.62 2.63 -5.25
C SER B 8 -2.34 2.42 -4.43
N ALA B 9 -1.74 3.54 -4.01
CA ALA B 9 -0.59 3.45 -3.15
C ALA B 9 -0.94 2.61 -1.92
N GLY B 10 -2.13 2.83 -1.37
CA GLY B 10 -2.57 2.08 -0.21
C GLY B 10 -2.54 0.59 -0.43
N GLU B 11 -3.09 0.13 -1.56
CA GLU B 11 -3.13 -1.32 -1.81
C GLU B 11 -1.72 -1.90 -1.88
N ILE B 12 -0.79 -1.14 -2.49
CA ILE B 12 0.57 -1.61 -2.65
C ILE B 12 1.25 -1.76 -1.29
N SER B 13 1.14 -0.70 -0.48
CA SER B 13 1.63 -0.70 0.90
C SER B 13 1.07 -1.87 1.69
N GLU B 14 -0.22 -2.14 1.52
CA GLU B 14 -0.86 -3.27 2.20
C GLU B 14 -0.28 -4.59 1.73
N VAL B 15 0.00 -4.73 0.42
CA VAL B 15 0.65 -5.94 -0.06
C VAL B 15 2.04 -6.07 0.56
N GLN B 16 2.76 -4.96 0.69
CA GLN B 16 4.06 -4.99 1.35
C GLN B 16 3.91 -5.45 2.81
N GLY B 17 2.89 -4.96 3.50
CA GLY B 17 2.66 -5.37 4.88
C GLY B 17 2.36 -6.86 5.01
N ILE B 18 1.45 -7.37 4.17
CA ILE B 18 1.07 -8.78 4.20
C ILE B 18 2.29 -9.68 3.94
N LEU B 19 3.12 -9.32 2.97
CA LEU B 19 4.30 -10.13 2.66
C LEU B 19 5.30 -10.10 3.83
N ARG B 20 5.49 -8.93 4.45
CA ARG B 20 6.43 -8.81 5.57
C ARG B 20 5.96 -9.68 6.73
N THR B 21 4.70 -9.48 7.15
CA THR B 21 4.10 -10.22 8.25
C THR B 21 4.14 -11.73 8.00
N ALA B 22 4.02 -12.18 6.73
CA ALA B 22 4.12 -13.62 6.44
C ALA B 22 5.55 -14.11 6.32
N GLY B 23 6.55 -13.28 6.47
CA GLY B 23 7.91 -13.80 6.42
C GLY B 23 8.47 -13.93 5.03
N LEU B 24 7.82 -13.31 4.03
CA LEU B 24 8.19 -13.41 2.63
C LEU B 24 9.00 -12.21 2.10
N LEU B 25 9.12 -11.13 2.86
CA LEU B 25 9.76 -9.91 2.35
C LEU B 25 10.82 -9.35 3.33
N GLY B 26 11.80 -10.16 3.71
CA GLY B 26 12.89 -9.67 4.52
C GLY B 26 13.89 -8.87 3.70
N PRO B 27 14.99 -8.46 4.35
CA PRO B 27 15.91 -7.50 3.71
C PRO B 27 16.67 -8.06 2.50
N GLU B 28 16.72 -9.37 2.32
CA GLU B 28 17.39 -9.95 1.16
C GLU B 28 16.42 -10.24 0.00
N LYS B 29 15.12 -9.91 0.14
CA LYS B 29 14.12 -10.07 -0.90
C LYS B 29 13.92 -8.78 -1.73
N ARG B 30 13.50 -8.97 -2.99
CA ARG B 30 13.22 -7.88 -3.93
C ARG B 30 12.02 -8.30 -4.78
N ILE B 31 11.11 -7.38 -5.00
CA ILE B 31 9.94 -7.62 -5.84
C ILE B 31 10.36 -7.32 -7.28
N ALA B 32 10.43 -8.36 -8.14
CA ALA B 32 10.72 -8.22 -9.56
C ALA B 32 9.47 -7.93 -10.40
N TYR B 33 8.28 -8.25 -9.91
CA TYR B 33 7.01 -7.93 -10.57
C TYR B 33 5.90 -7.92 -9.54
N LEU B 34 5.02 -6.89 -9.62
CA LEU B 34 3.79 -6.83 -8.85
C LEU B 34 2.64 -6.27 -9.69
N GLY B 35 1.51 -6.97 -9.70
CA GLY B 35 0.35 -6.51 -10.45
C GLY B 35 -0.94 -7.13 -9.95
N VAL B 36 -2.02 -6.39 -10.13
CA VAL B 36 -3.35 -6.85 -9.80
C VAL B 36 -3.75 -8.00 -10.73
N LEU B 37 -4.56 -8.93 -10.21
CA LEU B 37 -5.14 -9.97 -11.05
C LEU B 37 -6.52 -9.55 -11.52
N ASP B 38 -6.84 -9.92 -12.77
CA ASP B 38 -8.17 -9.65 -13.27
C ASP B 38 -9.19 -10.55 -12.55
N PRO B 39 -10.43 -10.09 -12.38
CA PRO B 39 -11.43 -10.98 -11.78
C PRO B 39 -11.60 -12.22 -12.64
N ALA B 40 -11.77 -13.37 -11.98
CA ALA B 40 -12.05 -14.59 -12.71
C ALA B 40 -13.40 -14.49 -13.44
N ARG B 41 -13.61 -15.43 -14.37
CA ARG B 41 -14.82 -15.43 -15.20
C ARG B 41 -16.08 -15.56 -14.35
N GLY B 42 -16.97 -14.58 -14.43
CA GLY B 42 -18.28 -14.63 -13.81
C GLY B 42 -18.34 -14.65 -12.29
N ALA B 43 -17.61 -13.74 -11.63
CA ALA B 43 -17.63 -13.64 -10.17
C ALA B 43 -17.87 -12.20 -9.70
N GLY B 44 -18.21 -11.28 -10.61
CA GLY B 44 -18.52 -9.90 -10.24
C GLY B 44 -19.77 -9.74 -9.40
N SER B 45 -20.58 -10.79 -9.28
CA SER B 45 -21.72 -10.87 -8.36
C SER B 45 -21.42 -11.98 -7.36
N GLU B 46 -20.83 -11.62 -6.22
CA GLU B 46 -20.49 -10.24 -5.90
C GLU B 46 -19.12 -10.23 -5.16
N ALA B 47 -18.97 -9.34 -4.17
CA ALA B 47 -17.86 -9.31 -3.22
C ALA B 47 -16.51 -8.91 -3.84
N GLU B 48 -15.91 -7.87 -3.25
CA GLU B 48 -14.51 -7.53 -3.53
C GLU B 48 -13.59 -8.72 -3.24
N ASP B 49 -12.72 -9.05 -4.20
CA ASP B 49 -11.47 -9.72 -3.86
C ASP B 49 -10.40 -9.15 -4.78
N ARG B 50 -9.69 -8.13 -4.30
CA ARG B 50 -8.55 -7.62 -5.03
C ARG B 50 -7.36 -8.51 -4.71
N ARG B 51 -6.94 -9.33 -5.67
CA ARG B 51 -5.74 -10.12 -5.54
C ARG B 51 -4.61 -9.61 -6.42
N PHE B 52 -3.38 -9.82 -5.93
CA PHE B 52 -2.16 -9.34 -6.54
C PHE B 52 -1.21 -10.52 -6.73
N ARG B 53 -0.56 -10.59 -7.89
CA ARG B 53 0.48 -11.56 -8.14
C ARG B 53 1.82 -10.87 -7.97
N VAL B 54 2.78 -11.58 -7.35
CA VAL B 54 4.09 -11.03 -6.99
C VAL B 54 5.16 -12.04 -7.36
N PHE B 55 6.22 -11.57 -8.02
CA PHE B 55 7.44 -12.34 -8.23
C PHE B 55 8.50 -11.80 -7.26
N ILE B 56 9.01 -12.66 -6.38
CA ILE B 56 9.94 -12.24 -5.33
C ILE B 56 11.31 -12.84 -5.62
N HIS B 57 12.29 -11.97 -5.87
CA HIS B 57 13.68 -12.30 -6.13
C HIS B 57 14.45 -12.34 -4.79
N ASP B 58 15.43 -13.24 -4.69
CA ASP B 58 16.25 -13.35 -3.49
C ASP B 58 17.70 -13.03 -3.86
N VAL B 59 18.27 -11.97 -3.26
CA VAL B 59 19.59 -11.52 -3.70
C VAL B 59 20.72 -12.32 -3.08
N SER B 60 20.41 -13.29 -2.23
CA SER B 60 21.40 -14.18 -1.68
C SER B 60 21.48 -15.47 -2.47
N GLY B 61 20.69 -15.59 -3.54
CA GLY B 61 20.71 -16.77 -4.37
C GLY B 61 19.76 -17.88 -3.97
N ALA B 62 18.96 -17.67 -2.94
CA ALA B 62 17.92 -18.67 -2.66
C ALA B 62 16.87 -18.63 -3.78
N ARG B 63 16.01 -19.60 -3.78
CA ARG B 63 15.13 -19.81 -4.91
C ARG B 63 14.03 -18.75 -4.91
N PRO B 64 13.68 -18.20 -6.08
CA PRO B 64 12.59 -17.20 -6.11
C PRO B 64 11.24 -17.86 -5.87
N GLN B 65 10.22 -17.00 -5.72
CA GLN B 65 8.84 -17.38 -5.44
C GLN B 65 7.84 -16.56 -6.23
N GLU B 66 6.81 -17.23 -6.72
CA GLU B 66 5.57 -16.60 -7.15
C GLU B 66 4.58 -16.64 -6.00
N VAL B 67 4.06 -15.49 -5.61
CA VAL B 67 3.14 -15.34 -4.49
C VAL B 67 1.89 -14.63 -4.99
N THR B 68 0.74 -15.11 -4.56
CA THR B 68 -0.54 -14.47 -4.78
C THR B 68 -1.10 -14.00 -3.45
N VAL B 69 -1.49 -12.72 -3.35
CA VAL B 69 -2.05 -12.27 -2.09
C VAL B 69 -3.39 -11.63 -2.38
N SER B 70 -4.21 -11.62 -1.34
CA SER B 70 -5.52 -10.99 -1.32
C SER B 70 -5.44 -9.79 -0.39
N VAL B 71 -5.51 -8.58 -0.94
CA VAL B 71 -5.46 -7.40 -0.05
C VAL B 71 -6.81 -7.16 0.60
N THR B 72 -7.87 -7.79 0.10
CA THR B 72 -9.20 -7.67 0.68
C THR B 72 -9.33 -8.46 1.98
N ASN B 73 -8.65 -9.61 2.09
CA ASN B 73 -8.64 -10.43 3.28
C ASN B 73 -7.34 -10.31 4.07
N GLY B 74 -6.35 -9.58 3.55
CA GLY B 74 -5.04 -9.47 4.18
C GLY B 74 -4.33 -10.80 4.35
N THR B 75 -4.43 -11.68 3.34
CA THR B 75 -3.88 -13.02 3.42
C THR B 75 -3.04 -13.35 2.19
N VAL B 76 -2.08 -14.26 2.41
CA VAL B 76 -1.38 -14.93 1.33
C VAL B 76 -2.23 -16.12 0.90
N ILE B 77 -2.54 -16.18 -0.40
CA ILE B 77 -3.30 -17.28 -0.99
C ILE B 77 -2.40 -18.47 -1.29
N SER B 78 -1.25 -18.22 -1.93
CA SER B 78 -0.39 -19.28 -2.46
C SER B 78 1.02 -18.75 -2.60
N ALA B 79 1.98 -19.63 -2.36
CA ALA B 79 3.38 -19.26 -2.49
C ALA B 79 4.12 -20.47 -3.00
N VAL B 80 4.68 -20.37 -4.20
CA VAL B 80 5.33 -21.48 -4.88
C VAL B 80 6.77 -21.10 -5.11
N GLU B 81 7.69 -22.00 -4.82
CA GLU B 81 9.08 -21.70 -5.08
C GLU B 81 9.34 -22.09 -6.53
N LEU B 82 10.17 -21.32 -7.23
CA LEU B 82 10.38 -21.53 -8.66
C LEU B 82 11.71 -22.20 -8.91
N ASP B 83 11.72 -23.11 -9.86
CA ASP B 83 12.94 -23.69 -10.38
C ASP B 83 13.34 -22.94 -11.65
N THR B 84 14.09 -21.84 -11.49
CA THR B 84 14.31 -20.97 -12.66
C THR B 84 15.07 -21.68 -13.80
N ALA B 85 15.89 -22.71 -13.48
CA ALA B 85 16.59 -23.45 -14.53
C ALA B 85 15.62 -24.23 -15.43
N ALA B 86 14.40 -24.49 -14.97
CA ALA B 86 13.44 -25.16 -15.84
C ALA B 86 12.45 -24.17 -16.47
N THR B 87 11.85 -23.29 -15.65
CA THR B 87 10.74 -22.48 -16.12
C THR B 87 11.09 -21.00 -16.41
N GLY B 88 12.34 -20.56 -16.21
CA GLY B 88 12.86 -19.28 -16.61
C GLY B 88 13.09 -18.33 -15.45
N GLU B 89 13.96 -17.34 -15.67
CA GLU B 89 14.36 -16.41 -14.61
C GLU B 89 13.31 -15.30 -14.45
N LEU B 90 13.35 -14.59 -13.31
CA LEU B 90 12.43 -13.49 -13.11
C LEU B 90 12.83 -12.34 -14.05
N PRO B 91 11.96 -11.35 -14.27
CA PRO B 91 12.36 -10.19 -15.06
C PRO B 91 13.56 -9.46 -14.45
N VAL B 92 14.30 -8.74 -15.31
CA VAL B 92 15.49 -7.98 -14.88
C VAL B 92 15.08 -6.92 -13.90
N LEU B 93 15.90 -6.72 -12.87
CA LEU B 93 15.67 -5.69 -11.89
C LEU B 93 16.44 -4.43 -12.26
N GLU B 94 15.88 -3.29 -11.87
CA GLU B 94 16.53 -2.02 -12.14
C GLU B 94 17.90 -1.94 -11.49
N GLU B 95 18.03 -2.43 -10.24
CA GLU B 95 19.33 -2.30 -9.58
C GLU B 95 20.38 -3.20 -10.23
N GLU B 96 19.98 -4.18 -11.04
CA GLU B 96 20.98 -5.03 -11.66
C GLU B 96 21.58 -4.41 -12.91
N PHE B 97 20.86 -3.48 -13.55
CA PHE B 97 21.40 -2.79 -14.71
C PHE B 97 22.69 -2.06 -14.35
N GLU B 98 22.71 -1.37 -13.21
CA GLU B 98 23.89 -0.57 -12.92
C GLU B 98 25.05 -1.40 -12.39
N VAL B 99 24.85 -2.69 -12.11
CA VAL B 99 25.95 -3.56 -11.64
C VAL B 99 26.92 -3.92 -12.77
N VAL B 100 26.42 -3.99 -14.01
CA VAL B 100 27.24 -4.50 -15.09
C VAL B 100 28.48 -3.63 -15.27
N GLU B 101 28.29 -2.31 -15.28
CA GLU B 101 29.39 -1.43 -15.61
C GLU B 101 30.44 -1.44 -14.51
N GLN B 102 30.00 -1.48 -13.26
CA GLN B 102 30.91 -1.41 -12.11
C GLN B 102 31.74 -2.67 -11.93
N LEU B 103 31.16 -3.84 -12.19
CA LEU B 103 31.94 -5.07 -12.15
C LEU B 103 33.02 -5.08 -13.21
N LEU B 104 32.69 -4.60 -14.42
CA LEU B 104 33.65 -4.61 -15.49
C LEU B 104 34.81 -3.65 -15.23
N ALA B 105 34.54 -2.53 -14.53
CA ALA B 105 35.51 -1.46 -14.31
C ALA B 105 36.66 -1.88 -13.38
N THR B 106 36.56 -3.01 -12.72
CA THR B 106 37.67 -3.53 -11.92
C THR B 106 37.96 -4.96 -12.33
N ASP B 107 37.73 -5.31 -13.60
CA ASP B 107 38.03 -6.64 -14.08
C ASP B 107 39.21 -6.58 -15.04
N GLU B 108 40.19 -7.46 -14.80
CA GLU B 108 41.47 -7.39 -15.49
C GLU B 108 41.34 -7.56 -16.99
N ARG B 109 40.47 -8.48 -17.42
CA ARG B 109 40.30 -8.74 -18.84
C ARG B 109 39.67 -7.55 -19.56
N TRP B 110 38.65 -6.93 -18.94
CA TRP B 110 38.04 -5.72 -19.49
C TRP B 110 39.05 -4.58 -19.57
N LEU B 111 39.79 -4.33 -18.47
CA LEU B 111 40.77 -3.25 -18.47
C LEU B 111 41.83 -3.48 -19.54
N LYS B 112 42.18 -4.74 -19.82
CA LYS B 112 43.22 -5.00 -20.82
C LYS B 112 42.72 -4.74 -22.24
N ALA B 113 41.43 -5.04 -22.48
CA ALA B 113 40.80 -4.76 -23.76
C ALA B 113 40.66 -3.26 -23.99
N LEU B 114 40.31 -2.52 -22.95
CA LEU B 114 40.22 -1.06 -23.08
C LEU B 114 41.62 -0.46 -23.25
N ALA B 115 42.62 -0.91 -22.46
CA ALA B 115 43.98 -0.39 -22.64
C ALA B 115 44.46 -0.54 -24.08
N ALA B 116 44.18 -1.69 -24.71
CA ALA B 116 44.69 -1.92 -26.06
C ALA B 116 44.04 -1.00 -27.09
N ARG B 117 42.95 -0.32 -26.73
CA ARG B 117 42.24 0.64 -27.57
C ARG B 117 42.51 2.07 -27.15
N ASN B 118 43.31 2.26 -26.09
CA ASN B 118 43.63 3.59 -25.59
C ASN B 118 42.40 4.32 -25.06
N LEU B 119 41.50 3.54 -24.43
CA LEU B 119 40.27 4.08 -23.85
C LEU B 119 40.41 4.22 -22.34
N ASP B 120 39.97 5.37 -21.82
CA ASP B 120 39.84 5.66 -20.39
C ASP B 120 38.57 5.00 -19.81
N VAL B 121 38.77 4.13 -18.81
CA VAL B 121 37.67 3.34 -18.25
C VAL B 121 36.60 4.23 -17.65
N SER B 122 36.97 5.43 -17.18
CA SER B 122 35.97 6.33 -16.61
C SER B 122 35.04 6.87 -17.67
N LYS B 123 35.36 6.66 -18.95
CA LYS B 123 34.59 7.17 -20.07
C LYS B 123 33.78 6.10 -20.80
N VAL B 124 33.86 4.83 -20.40
CA VAL B 124 33.26 3.73 -21.14
C VAL B 124 31.95 3.29 -20.45
N ARG B 125 30.82 3.62 -21.07
CA ARG B 125 29.53 3.14 -20.62
C ARG B 125 29.25 1.75 -21.17
N VAL B 126 28.59 0.92 -20.37
CA VAL B 126 28.27 -0.44 -20.75
C VAL B 126 26.75 -0.57 -20.82
N ALA B 127 26.21 -0.99 -21.95
CA ALA B 127 24.77 -1.18 -22.06
C ALA B 127 24.40 -2.55 -21.54
N PRO B 128 23.55 -2.66 -20.51
CA PRO B 128 23.30 -3.98 -19.91
C PRO B 128 22.13 -4.62 -20.64
N LEU B 129 22.37 -5.70 -21.34
CA LEU B 129 21.39 -6.31 -22.21
C LEU B 129 21.03 -7.71 -21.67
N SER B 130 19.78 -8.11 -21.88
CA SER B 130 19.34 -9.44 -21.47
C SER B 130 20.07 -10.51 -22.27
N ALA B 131 20.21 -11.70 -21.68
CA ALA B 131 21.24 -12.63 -22.12
C ALA B 131 20.78 -13.61 -23.19
N GLY B 132 19.51 -14.03 -23.12
CA GLY B 132 19.04 -15.10 -23.96
C GLY B 132 19.57 -16.45 -23.53
N VAL B 133 19.48 -17.41 -24.45
CA VAL B 133 19.86 -18.79 -24.20
C VAL B 133 20.62 -19.28 -25.42
N PHE B 134 21.90 -19.57 -25.25
CA PHE B 134 22.76 -20.03 -26.33
C PHE B 134 23.56 -21.23 -25.82
N GLU B 135 24.86 -21.28 -26.12
CA GLU B 135 25.64 -22.50 -26.00
C GLU B 135 26.56 -22.51 -24.76
N TYR B 136 26.27 -21.69 -23.74
CA TYR B 136 27.12 -21.57 -22.56
C TYR B 136 26.47 -22.38 -21.44
N ALA B 137 27.02 -23.57 -21.17
CA ALA B 137 26.42 -24.44 -20.16
C ALA B 137 26.34 -23.75 -18.79
N GLU B 138 27.35 -22.94 -18.45
CA GLU B 138 27.45 -22.38 -17.10
C GLU B 138 26.35 -21.37 -16.77
N GLU B 139 25.55 -20.94 -17.75
CA GLU B 139 24.53 -19.93 -17.52
C GLU B 139 23.20 -20.53 -17.09
N ARG B 140 22.93 -21.79 -17.40
CA ARG B 140 21.65 -22.40 -17.03
C ARG B 140 21.44 -22.40 -15.51
N GLY B 141 20.40 -21.68 -15.06
CA GLY B 141 20.14 -21.51 -13.66
C GLY B 141 20.78 -20.29 -13.03
N ARG B 142 21.57 -19.52 -13.79
CA ARG B 142 22.18 -18.28 -13.32
C ARG B 142 21.56 -17.08 -14.04
N ARG B 143 21.65 -15.97 -13.37
CA ARG B 143 21.04 -14.73 -13.80
C ARG B 143 22.12 -13.88 -14.47
N ILE B 144 22.07 -13.80 -15.81
CA ILE B 144 23.16 -13.22 -16.59
C ILE B 144 22.66 -12.01 -17.37
N LEU B 145 23.49 -10.97 -17.42
CA LEU B 145 23.38 -9.87 -18.37
C LEU B 145 24.62 -9.83 -19.25
N ARG B 146 24.49 -9.31 -20.46
CA ARG B 146 25.62 -9.15 -21.35
C ARG B 146 25.86 -7.66 -21.58
N GLY B 147 27.11 -7.26 -21.69
CA GLY B 147 27.48 -5.85 -21.79
C GLY B 147 28.13 -5.52 -23.12
N LEU B 148 27.73 -4.38 -23.70
CA LEU B 148 28.37 -3.84 -24.90
C LEU B 148 28.78 -2.41 -24.59
N ALA B 149 30.01 -2.05 -24.95
CA ALA B 149 30.56 -0.79 -24.48
C ALA B 149 30.42 0.35 -25.48
N PHE B 150 30.28 1.56 -24.94
CA PHE B 150 30.21 2.83 -25.67
C PHE B 150 31.00 3.89 -24.92
N VAL B 151 31.72 4.73 -25.68
CA VAL B 151 32.54 5.80 -25.14
C VAL B 151 31.71 7.07 -25.04
N GLN B 152 31.72 7.70 -23.87
CA GLN B 152 31.17 9.04 -23.65
C GLN B 152 32.34 10.01 -23.50
N ASP B 153 32.55 10.87 -24.49
CA ASP B 153 33.66 11.83 -24.43
C ASP B 153 33.50 12.82 -23.27
N PHE B 154 32.27 13.15 -22.90
CA PHE B 154 31.99 14.01 -21.75
C PHE B 154 30.61 13.64 -21.23
N PRO B 155 30.25 14.06 -20.01
CA PRO B 155 29.02 13.54 -19.37
C PRO B 155 27.71 13.82 -20.11
N GLU B 156 27.66 14.75 -21.06
CA GLU B 156 26.45 15.04 -21.82
C GLU B 156 26.55 14.54 -23.25
N ASP B 157 27.58 13.76 -23.53
CA ASP B 157 27.85 13.23 -24.84
C ASP B 157 26.90 12.07 -25.09
N SER B 158 26.40 11.99 -26.32
CA SER B 158 25.61 10.83 -26.72
C SER B 158 26.54 9.64 -26.95
N ALA B 159 26.58 8.72 -25.98
CA ALA B 159 27.54 7.61 -26.06
C ALA B 159 27.30 6.75 -27.28
N TRP B 160 26.05 6.69 -27.79
CA TRP B 160 25.70 5.83 -28.92
C TRP B 160 26.47 6.15 -30.17
N ALA B 161 27.03 7.37 -30.27
CA ALA B 161 27.88 7.68 -31.43
C ALA B 161 29.24 7.00 -31.40
N HIS B 162 29.64 6.38 -30.30
CA HIS B 162 31.02 5.87 -30.15
C HIS B 162 31.01 4.41 -29.69
N PRO B 163 30.45 3.50 -30.49
CA PRO B 163 30.44 2.08 -30.11
C PRO B 163 31.85 1.52 -30.09
N VAL B 164 32.09 0.61 -29.15
CA VAL B 164 33.39 -0.06 -29.04
C VAL B 164 33.19 -1.48 -29.54
N ASP B 165 33.50 -1.71 -30.81
CA ASP B 165 33.17 -2.98 -31.44
C ASP B 165 34.27 -4.00 -31.19
N GLY B 166 33.93 -5.26 -31.42
CA GLY B 166 34.85 -6.35 -31.17
C GLY B 166 34.91 -6.80 -29.72
N LEU B 167 34.08 -6.25 -28.85
CA LEU B 167 34.19 -6.46 -27.41
C LEU B 167 32.81 -6.72 -26.81
N VAL B 168 32.67 -7.83 -26.08
CA VAL B 168 31.45 -8.15 -25.34
C VAL B 168 31.83 -8.91 -24.07
N ALA B 169 31.10 -8.67 -22.97
CA ALA B 169 31.34 -9.33 -21.68
C ALA B 169 30.02 -9.85 -21.13
N TYR B 170 30.13 -10.91 -20.34
CA TYR B 170 28.98 -11.54 -19.69
C TYR B 170 29.17 -11.50 -18.19
N VAL B 171 28.11 -11.14 -17.47
CA VAL B 171 28.19 -10.92 -16.03
C VAL B 171 27.08 -11.68 -15.34
N ASP B 172 27.46 -12.47 -14.35
CA ASP B 172 26.53 -13.02 -13.36
C ASP B 172 26.20 -11.94 -12.35
N VAL B 173 24.96 -11.44 -12.39
CA VAL B 173 24.58 -10.31 -11.54
C VAL B 173 24.19 -10.72 -10.12
N VAL B 174 24.16 -12.01 -9.77
CA VAL B 174 23.82 -12.38 -8.39
C VAL B 174 25.09 -12.59 -7.57
N SER B 175 25.98 -13.48 -8.04
CA SER B 175 27.27 -13.68 -7.40
C SER B 175 28.25 -12.53 -7.66
N LYS B 176 27.90 -11.66 -8.61
CA LYS B 176 28.73 -10.54 -9.04
C LYS B 176 30.09 -11.01 -9.57
N GLU B 177 30.07 -11.94 -10.53
CA GLU B 177 31.27 -12.29 -11.28
C GLU B 177 31.12 -12.04 -12.77
N VAL B 178 32.22 -11.59 -13.37
CA VAL B 178 32.37 -11.51 -14.81
C VAL B 178 32.71 -12.91 -15.31
N THR B 179 31.79 -13.56 -16.04
CA THR B 179 32.06 -14.92 -16.47
C THR B 179 32.94 -14.97 -17.70
N ARG B 180 32.76 -14.07 -18.66
CA ARG B 180 33.61 -14.09 -19.85
C ARG B 180 33.79 -12.67 -20.36
N VAL B 181 34.97 -12.43 -20.93
CA VAL B 181 35.25 -11.26 -21.77
C VAL B 181 35.76 -11.77 -23.12
N ILE B 182 35.17 -11.29 -24.20
CA ILE B 182 35.48 -11.79 -25.54
C ILE B 182 35.92 -10.60 -26.35
N ASP B 183 37.12 -10.68 -26.92
CA ASP B 183 37.73 -9.57 -27.66
C ASP B 183 38.15 -10.13 -29.01
N THR B 184 37.32 -9.91 -30.03
CA THR B 184 37.60 -10.46 -31.34
C THR B 184 38.49 -9.52 -32.17
N GLY B 185 38.91 -8.40 -31.60
CA GLY B 185 39.85 -7.50 -32.25
C GLY B 185 39.43 -6.06 -32.11
N VAL B 186 40.39 -5.15 -32.35
CA VAL B 186 40.12 -3.73 -32.27
C VAL B 186 39.47 -3.27 -33.58
N PHE B 187 38.44 -2.43 -33.46
CA PHE B 187 37.85 -1.63 -34.50
C PHE B 187 38.03 -0.20 -34.09
N PRO B 188 38.26 0.73 -35.02
CA PRO B 188 38.26 2.15 -34.66
C PRO B 188 36.94 2.53 -34.02
N VAL B 189 36.99 3.47 -33.06
CA VAL B 189 35.72 3.89 -32.48
C VAL B 189 35.33 5.14 -33.27
N PRO B 190 34.12 5.19 -33.80
CA PRO B 190 33.70 6.36 -34.56
C PRO B 190 33.80 7.62 -33.73
N ALA B 191 34.23 8.71 -34.37
CA ALA B 191 34.65 9.89 -33.62
C ALA B 191 33.69 11.07 -33.70
N GLU B 192 32.92 11.21 -34.80
CA GLU B 192 31.88 12.23 -34.85
C GLU B 192 30.94 12.08 -33.67
N HIS B 193 30.51 13.20 -33.12
CA HIS B 193 29.54 13.13 -32.05
C HIS B 193 28.12 13.02 -32.64
N GLY B 194 27.17 12.60 -31.79
CA GLY B 194 25.78 12.48 -32.21
C GLY B 194 24.92 13.32 -31.30
N ASN B 195 25.39 14.52 -30.96
CA ASN B 195 24.69 15.39 -30.01
C ASN B 195 23.72 16.30 -30.74
N TYR B 196 22.42 15.99 -30.61
CA TYR B 196 21.36 16.62 -31.39
C TYR B 196 20.82 17.88 -30.74
N THR B 197 21.39 18.31 -29.60
CA THR B 197 21.09 19.60 -29.02
C THR B 197 22.27 20.56 -29.13
N ASP B 198 23.36 20.11 -29.73
CA ASP B 198 24.56 20.92 -29.93
C ASP B 198 24.31 21.90 -31.08
N PRO B 199 24.35 23.22 -30.81
CA PRO B 199 24.08 24.18 -31.90
C PRO B 199 25.00 23.99 -33.09
N GLU B 200 26.22 23.48 -32.89
CA GLU B 200 27.13 23.20 -34.00
C GLU B 200 26.55 22.18 -34.97
N LEU B 201 25.77 21.22 -34.48
CA LEU B 201 25.18 20.19 -35.33
C LEU B 201 23.80 20.60 -35.84
N THR B 202 22.96 21.22 -34.98
CA THR B 202 21.60 21.55 -35.40
C THR B 202 21.59 22.74 -36.35
N GLY B 203 22.50 23.68 -36.14
CA GLY B 203 22.42 24.95 -36.81
C GLY B 203 21.50 25.86 -36.05
N PRO B 204 21.27 27.05 -36.59
CA PRO B 204 20.27 27.94 -36.01
C PRO B 204 18.93 27.24 -36.10
N LEU B 205 18.11 27.35 -35.07
CA LEU B 205 16.83 26.66 -35.10
C LEU B 205 15.85 27.46 -35.95
N ARG B 206 14.92 26.75 -36.60
CA ARG B 206 13.92 27.41 -37.44
C ARG B 206 13.17 28.46 -36.66
N THR B 207 12.90 29.59 -37.30
CA THR B 207 11.99 30.57 -36.72
C THR B 207 10.64 30.60 -37.41
N THR B 208 10.44 29.76 -38.47
CA THR B 208 9.30 29.81 -39.38
C THR B 208 8.06 29.03 -38.90
N GLN B 209 8.15 28.23 -37.83
CA GLN B 209 7.00 27.48 -37.33
C GLN B 209 6.17 28.36 -36.43
N LYS B 210 4.96 28.57 -36.77
CA LYS B 210 4.03 29.39 -36.03
C LYS B 210 3.11 28.51 -35.20
N PRO B 211 2.55 28.99 -34.10
CA PRO B 211 1.82 28.09 -33.18
C PRO B 211 0.54 27.52 -33.78
N ILE B 212 0.27 26.28 -33.39
CA ILE B 212 -1.02 25.62 -33.60
C ILE B 212 -1.63 25.45 -32.23
N SER B 213 -2.82 26.01 -32.04
CA SER B 213 -3.48 26.05 -30.75
C SER B 213 -4.69 25.14 -30.83
N ILE B 214 -4.67 24.06 -30.06
CA ILE B 214 -5.79 23.11 -30.00
C ILE B 214 -6.40 23.23 -28.62
N THR B 215 -7.64 23.72 -28.55
CA THR B 215 -8.33 23.94 -27.28
C THR B 215 -9.73 23.38 -27.34
N GLN B 216 -10.25 23.01 -26.16
CA GLN B 216 -11.62 22.58 -25.97
C GLN B 216 -12.25 23.52 -24.96
N PRO B 217 -12.90 24.60 -25.43
CA PRO B 217 -13.35 25.67 -24.52
C PRO B 217 -14.45 25.25 -23.54
N GLU B 218 -15.25 24.23 -23.87
CA GLU B 218 -16.21 23.66 -22.93
C GLU B 218 -15.70 22.39 -22.29
N GLY B 219 -14.39 22.16 -22.34
CA GLY B 219 -13.85 20.90 -21.89
C GLY B 219 -14.03 19.74 -22.88
N PRO B 220 -13.55 18.57 -22.46
CA PRO B 220 -13.58 17.40 -23.33
C PRO B 220 -14.96 16.76 -23.35
N SER B 221 -15.21 15.98 -24.41
CA SER B 221 -16.49 15.27 -24.51
C SER B 221 -16.55 13.97 -23.71
N PHE B 222 -15.41 13.46 -23.19
CA PHE B 222 -15.41 12.26 -22.37
C PHE B 222 -15.44 12.61 -20.89
N THR B 223 -16.01 11.70 -20.12
CA THR B 223 -16.01 11.77 -18.67
C THR B 223 -15.18 10.63 -18.08
N VAL B 224 -14.60 10.90 -16.93
CA VAL B 224 -13.84 9.93 -16.15
C VAL B 224 -14.49 9.83 -14.76
N THR B 225 -14.98 8.64 -14.43
CA THR B 225 -15.52 8.34 -13.11
C THR B 225 -14.77 7.15 -12.49
N GLY B 226 -14.79 7.03 -11.16
CA GLY B 226 -14.12 5.91 -10.53
C GLY B 226 -12.62 5.84 -10.76
N GLY B 227 -12.01 6.96 -11.13
CA GLY B 227 -10.59 6.99 -11.45
C GLY B 227 -10.21 6.58 -12.87
N ASN B 228 -10.75 5.46 -13.37
CA ASN B 228 -10.24 4.93 -14.63
C ASN B 228 -11.35 4.42 -15.54
N HIS B 229 -12.59 4.84 -15.34
CA HIS B 229 -13.68 4.47 -16.22
C HIS B 229 -14.00 5.62 -17.19
N ILE B 230 -13.91 5.35 -18.50
CA ILE B 230 -14.15 6.36 -19.53
C ILE B 230 -15.48 6.10 -20.19
N GLU B 231 -16.28 7.17 -20.39
CA GLU B 231 -17.44 7.23 -21.28
C GLU B 231 -17.10 8.23 -22.38
N TRP B 232 -17.17 7.82 -23.66
CA TRP B 232 -16.95 8.78 -24.75
C TRP B 232 -17.73 8.36 -25.99
N GLU B 233 -18.70 9.18 -26.40
CA GLU B 233 -19.37 9.05 -27.70
C GLU B 233 -19.87 7.63 -27.93
N LYS B 234 -20.57 7.10 -26.92
CA LYS B 234 -21.21 5.78 -26.91
C LYS B 234 -20.24 4.67 -26.56
N TRP B 235 -18.93 4.92 -26.52
CA TRP B 235 -17.96 3.95 -26.02
C TRP B 235 -17.90 3.95 -24.49
N SER B 236 -17.62 2.76 -23.93
CA SER B 236 -17.41 2.52 -22.50
C SER B 236 -16.21 1.59 -22.32
N LEU B 237 -15.29 1.92 -21.41
CA LEU B 237 -14.13 1.07 -21.18
C LEU B 237 -13.43 1.46 -19.86
N ASP B 238 -12.60 0.56 -19.35
CA ASP B 238 -11.74 0.85 -18.20
C ASP B 238 -10.28 0.79 -18.62
N VAL B 239 -9.51 1.83 -18.25
CA VAL B 239 -8.10 1.91 -18.56
C VAL B 239 -7.31 1.42 -17.35
N GLY B 240 -6.75 0.20 -17.44
CA GLY B 240 -5.84 -0.29 -16.44
C GLY B 240 -4.38 -0.05 -16.80
N PHE B 241 -3.53 -0.50 -15.91
CA PHE B 241 -2.10 -0.32 -16.15
C PHE B 241 -1.38 -1.41 -15.38
N ASP B 242 -0.47 -2.07 -16.06
CA ASP B 242 0.30 -3.15 -15.50
C ASP B 242 1.76 -2.87 -15.75
N VAL B 243 2.60 -3.11 -14.72
CA VAL B 243 4.02 -2.79 -14.84
C VAL B 243 4.65 -3.59 -15.99
N ARG B 244 4.13 -4.76 -16.31
CA ARG B 244 4.71 -5.54 -17.40
C ARG B 244 4.16 -5.12 -18.78
N GLU B 245 2.83 -5.10 -18.95
CA GLU B 245 2.23 -4.82 -20.28
C GLU B 245 2.06 -3.34 -20.60
N GLY B 246 2.02 -2.50 -19.58
CA GLY B 246 1.71 -1.10 -19.77
C GLY B 246 0.20 -0.89 -19.69
N VAL B 247 -0.31 -0.05 -20.58
CA VAL B 247 -1.74 0.26 -20.62
C VAL B 247 -2.50 -0.98 -21.09
N VAL B 248 -3.58 -1.31 -20.37
CA VAL B 248 -4.45 -2.44 -20.67
C VAL B 248 -5.84 -1.85 -20.79
N LEU B 249 -6.61 -2.28 -21.80
CA LEU B 249 -7.97 -1.79 -21.91
C LEU B 249 -8.91 -2.91 -21.51
N HIS B 250 -9.87 -2.60 -20.63
CA HIS B 250 -10.85 -3.57 -20.15
C HIS B 250 -12.25 -3.16 -20.56
N ASN B 251 -13.10 -4.17 -20.76
CA ASN B 251 -14.55 -3.99 -20.93
C ASN B 251 -14.89 -2.96 -21.99
N ILE B 252 -14.25 -3.07 -23.14
CA ILE B 252 -14.56 -2.13 -24.22
C ILE B 252 -15.95 -2.48 -24.73
N ALA B 253 -16.84 -1.50 -24.73
CA ALA B 253 -18.22 -1.79 -25.07
C ALA B 253 -18.82 -0.57 -25.76
N PHE B 254 -19.91 -0.78 -26.49
CA PHE B 254 -20.52 0.30 -27.26
C PHE B 254 -22.01 0.35 -26.96
N ARG B 255 -22.53 1.55 -26.72
CA ARG B 255 -23.94 1.73 -26.35
C ARG B 255 -24.77 1.87 -27.63
N ASP B 256 -25.43 0.79 -28.01
CA ASP B 256 -26.23 0.74 -29.23
C ASP B 256 -27.67 0.91 -28.78
N GLY B 257 -28.15 2.15 -28.81
CA GLY B 257 -29.46 2.47 -28.31
C GLY B 257 -29.50 2.39 -26.81
N ASP B 258 -30.15 1.38 -26.27
CA ASP B 258 -30.19 1.21 -24.83
C ASP B 258 -29.47 -0.04 -24.36
N ARG B 259 -28.89 -0.85 -25.26
CA ARG B 259 -28.03 -1.94 -24.84
C ARG B 259 -26.58 -1.46 -24.83
N LEU B 260 -25.87 -1.85 -23.77
CA LEU B 260 -24.41 -1.77 -23.73
C LEU B 260 -23.91 -3.10 -24.28
N ARG B 261 -23.24 -3.05 -25.44
CA ARG B 261 -22.84 -4.27 -26.13
C ARG B 261 -21.34 -4.43 -26.00
N PRO B 262 -20.86 -5.57 -25.51
CA PRO B 262 -19.43 -5.77 -25.38
C PRO B 262 -18.81 -6.08 -26.73
N ILE B 263 -17.57 -5.61 -26.89
CA ILE B 263 -16.76 -5.93 -28.05
C ILE B 263 -15.48 -6.64 -27.66
N ILE B 264 -14.70 -6.05 -26.72
CA ILE B 264 -13.42 -6.63 -26.29
C ILE B 264 -13.36 -6.68 -24.77
N ASN B 265 -13.06 -7.85 -24.22
CA ASN B 265 -12.98 -8.03 -22.77
C ASN B 265 -11.68 -7.48 -22.20
N ARG B 266 -10.56 -7.71 -22.88
CA ARG B 266 -9.27 -7.17 -22.47
C ARG B 266 -8.36 -7.02 -23.68
N ALA B 267 -7.68 -5.87 -23.76
CA ALA B 267 -6.81 -5.55 -24.89
C ALA B 267 -5.46 -5.13 -24.35
N SER B 268 -4.39 -5.81 -24.78
CA SER B 268 -3.07 -5.40 -24.35
C SER B 268 -2.02 -5.73 -25.42
N ILE B 269 -0.83 -5.12 -25.27
CA ILE B 269 0.33 -5.59 -26.00
C ILE B 269 1.04 -6.60 -25.07
N ALA B 270 0.92 -7.90 -25.36
CA ALA B 270 1.28 -8.88 -24.34
C ALA B 270 2.73 -9.33 -24.44
N GLU B 271 3.43 -9.03 -25.55
CA GLU B 271 4.88 -9.25 -25.66
C GLU B 271 5.45 -8.37 -26.76
N MET B 272 6.77 -8.18 -26.70
CA MET B 272 7.44 -7.57 -27.84
C MET B 272 8.85 -8.12 -27.92
N VAL B 273 9.31 -8.38 -29.13
CA VAL B 273 10.64 -8.88 -29.37
C VAL B 273 11.38 -7.96 -30.37
N VAL B 274 12.67 -7.75 -30.14
CA VAL B 274 13.55 -6.96 -31.03
C VAL B 274 14.75 -7.83 -31.36
N PRO B 275 14.67 -8.61 -32.42
CA PRO B 275 15.79 -9.47 -32.82
C PRO B 275 16.71 -8.69 -33.74
N TYR B 276 18.02 -8.94 -33.58
CA TYR B 276 19.05 -8.30 -34.40
C TYR B 276 19.57 -9.29 -35.43
N GLY B 277 19.94 -8.74 -36.59
CA GLY B 277 20.25 -9.52 -37.77
C GLY B 277 21.72 -9.53 -38.10
N ASP B 278 22.59 -9.07 -37.18
CA ASP B 278 24.04 -9.05 -37.40
C ASP B 278 24.62 -10.39 -36.98
N PRO B 279 25.20 -11.15 -37.90
CA PRO B 279 25.80 -12.45 -37.57
C PRO B 279 27.14 -12.36 -36.84
N SER B 280 27.66 -11.18 -36.59
CA SER B 280 28.90 -11.07 -35.84
C SER B 280 28.72 -11.71 -34.46
N PRO B 281 29.71 -12.49 -34.00
CA PRO B 281 29.62 -13.05 -32.64
C PRO B 281 29.53 -12.00 -31.53
N ILE B 282 29.96 -10.76 -31.78
CA ILE B 282 29.78 -9.69 -30.80
C ILE B 282 28.30 -9.40 -30.52
N ARG B 283 27.40 -9.58 -31.50
CA ARG B 283 26.00 -9.18 -31.29
C ARG B 283 24.95 -10.22 -31.72
N SER B 284 25.34 -11.40 -32.20
CA SER B 284 24.40 -12.36 -32.77
C SER B 284 23.47 -12.98 -31.74
N TRP B 285 23.74 -12.78 -30.46
CA TRP B 285 22.86 -13.17 -29.37
C TRP B 285 21.82 -12.10 -29.04
N GLN B 286 21.89 -10.93 -29.68
CA GLN B 286 21.17 -9.78 -29.12
C GLN B 286 19.71 -9.81 -29.56
N ASN B 287 18.83 -10.10 -28.58
CA ASN B 287 17.38 -10.04 -28.68
C ASN B 287 16.86 -9.62 -27.33
N TYR B 288 15.92 -8.70 -27.30
CA TYR B 288 15.26 -8.38 -26.05
C TYR B 288 13.78 -8.57 -26.22
N PHE B 289 13.15 -8.99 -25.14
CA PHE B 289 11.71 -9.01 -25.03
C PHE B 289 11.42 -7.90 -24.05
N ASP B 290 11.14 -6.69 -24.56
CA ASP B 290 11.06 -5.54 -23.66
C ASP B 290 9.95 -5.71 -22.61
N THR B 291 8.78 -6.21 -23.04
CA THR B 291 7.67 -6.43 -22.10
C THR B 291 8.03 -7.53 -21.10
N GLY B 292 8.39 -8.71 -21.59
CA GLY B 292 8.49 -9.87 -20.73
C GLY B 292 9.78 -9.94 -19.94
N GLU B 293 10.85 -9.34 -20.47
CA GLU B 293 12.13 -9.34 -19.76
C GLU B 293 12.38 -8.09 -18.93
N TYR B 294 12.05 -6.91 -19.46
CA TYR B 294 12.34 -5.66 -18.77
C TYR B 294 11.15 -5.04 -18.03
N LEU B 295 9.92 -5.30 -18.50
CA LEU B 295 8.67 -4.71 -17.99
C LEU B 295 8.53 -3.25 -18.47
N VAL B 296 7.84 -3.04 -19.60
CA VAL B 296 7.83 -1.74 -20.26
C VAL B 296 7.10 -0.72 -19.44
N GLY B 297 6.10 -1.12 -18.67
CA GLY B 297 5.38 -0.12 -17.90
C GLY B 297 6.24 0.51 -16.82
N GLN B 298 7.23 -0.22 -16.34
CA GLN B 298 8.13 0.30 -15.31
C GLN B 298 8.93 1.50 -15.81
N TYR B 299 9.12 1.64 -17.13
CA TYR B 299 9.97 2.67 -17.74
C TYR B 299 9.16 3.75 -18.40
N ALA B 300 7.86 3.79 -18.13
CA ALA B 300 7.00 4.81 -18.71
C ALA B 300 7.50 6.21 -18.34
N ASN B 301 7.41 7.10 -19.30
CA ASN B 301 7.76 8.52 -19.15
C ASN B 301 6.63 9.27 -18.50
N SER B 302 6.98 10.27 -17.69
CA SER B 302 6.03 11.34 -17.42
C SER B 302 5.91 12.20 -18.67
N LEU B 303 4.66 12.46 -19.10
CA LEU B 303 4.37 13.09 -20.38
C LEU B 303 4.07 14.57 -20.19
N GLU B 304 4.77 15.43 -20.94
CA GLU B 304 4.71 16.87 -20.71
C GLU B 304 3.66 17.53 -21.60
N LEU B 305 2.86 18.39 -20.97
CA LEU B 305 1.83 19.13 -21.66
C LEU B 305 2.46 20.03 -22.71
N GLY B 306 1.85 20.07 -23.89
CA GLY B 306 2.33 20.88 -24.98
C GLY B 306 3.52 20.30 -25.71
N CYS B 307 4.19 19.33 -25.13
CA CYS B 307 5.32 18.67 -25.76
C CYS B 307 4.95 17.26 -26.18
N ASP B 308 4.61 16.40 -25.21
CA ASP B 308 4.24 15.01 -25.51
C ASP B 308 2.77 14.89 -25.85
N CYS B 309 1.92 15.69 -25.21
CA CYS B 309 0.48 15.61 -25.39
C CYS B 309 -0.04 17.03 -25.55
N LEU B 310 -0.68 17.29 -26.69
CA LEU B 310 -1.07 18.63 -27.10
C LEU B 310 -2.58 18.69 -27.16
N GLY B 311 -3.16 19.75 -26.61
CA GLY B 311 -4.60 19.87 -26.58
C GLY B 311 -5.12 19.93 -25.15
N ASP B 312 -6.28 19.34 -24.95
CA ASP B 312 -6.95 19.33 -23.66
C ASP B 312 -6.79 17.92 -23.11
N ILE B 313 -5.71 17.73 -22.37
CA ILE B 313 -5.25 16.42 -21.93
C ILE B 313 -5.85 16.11 -20.57
N THR B 314 -6.34 14.89 -20.40
CA THR B 314 -6.59 14.32 -19.09
C THR B 314 -5.53 13.25 -18.83
N TYR B 315 -4.95 13.27 -17.65
CA TYR B 315 -3.87 12.38 -17.28
C TYR B 315 -4.34 11.36 -16.28
N LEU B 316 -3.75 10.17 -16.35
CA LEU B 316 -3.76 9.25 -15.26
C LEU B 316 -2.34 9.14 -14.77
N SER B 317 -2.19 8.86 -13.48
CA SER B 317 -0.88 8.69 -12.86
C SER B 317 -0.90 7.31 -12.21
N PRO B 318 -0.48 6.27 -12.91
CA PRO B 318 -0.50 4.92 -12.32
C PRO B 318 0.48 4.76 -11.16
N VAL B 319 0.26 3.72 -10.36
CA VAL B 319 1.10 3.36 -9.21
C VAL B 319 1.60 1.95 -9.41
N ILE B 320 2.92 1.77 -9.26
CA ILE B 320 3.55 0.48 -9.33
C ILE B 320 4.34 0.30 -8.03
N SER B 321 4.83 -0.91 -7.81
CA SER B 321 5.75 -1.18 -6.70
C SER B 321 7.20 -0.94 -7.10
N ASP B 322 8.00 -0.44 -6.16
CA ASP B 322 9.45 -0.50 -6.40
C ASP B 322 9.96 -1.87 -5.92
N ALA B 323 11.28 -2.04 -5.95
CA ALA B 323 11.86 -3.35 -5.67
C ALA B 323 11.69 -3.78 -4.20
N PHE B 324 11.23 -2.90 -3.32
CA PHE B 324 11.07 -3.22 -1.91
C PHE B 324 9.62 -3.25 -1.47
N GLY B 325 8.69 -3.11 -2.42
CA GLY B 325 7.28 -3.03 -2.08
C GLY B 325 6.79 -1.65 -1.74
N ASN B 326 7.61 -0.60 -1.93
CA ASN B 326 7.02 0.70 -1.67
C ASN B 326 6.32 1.24 -2.94
N PRO B 327 5.17 1.90 -2.79
CA PRO B 327 4.49 2.47 -3.98
C PRO B 327 5.27 3.61 -4.63
N ARG B 328 5.16 3.67 -5.95
CA ARG B 328 5.85 4.68 -6.75
C ARG B 328 4.88 5.16 -7.82
N GLU B 329 4.65 6.44 -7.86
CA GLU B 329 3.65 7.02 -8.75
C GLU B 329 4.35 7.43 -10.05
N ILE B 330 3.84 6.97 -11.19
CA ILE B 330 4.34 7.45 -12.47
C ILE B 330 3.46 8.63 -12.84
N ARG B 331 3.96 9.83 -12.59
CA ARG B 331 3.14 11.00 -12.75
C ARG B 331 2.93 11.27 -14.25
N ASN B 332 1.71 11.65 -14.61
CA ASN B 332 1.36 11.96 -16.00
C ASN B 332 1.83 10.86 -16.95
N GLY B 333 1.80 9.60 -16.49
CA GLY B 333 2.27 8.49 -17.31
C GLY B 333 1.32 8.08 -18.44
N ILE B 334 0.04 8.44 -18.36
CA ILE B 334 -0.96 8.14 -19.39
C ILE B 334 -1.66 9.43 -19.81
N CYS B 335 -1.67 9.76 -21.09
CA CYS B 335 -2.50 10.88 -21.45
CA CYS B 335 -2.41 10.90 -21.62
C CYS B 335 -3.66 10.43 -22.31
N MET B 336 -4.77 11.14 -22.14
CA MET B 336 -6.01 10.86 -22.83
C MET B 336 -6.57 12.16 -23.34
N HIS B 337 -7.05 12.12 -24.59
CA HIS B 337 -7.68 13.29 -25.21
C HIS B 337 -8.40 12.83 -26.47
N GLU B 338 -9.24 13.72 -26.99
CA GLU B 338 -9.89 13.48 -28.27
C GLU B 338 -9.28 14.41 -29.33
N GLU B 339 -9.36 13.98 -30.58
CA GLU B 339 -8.68 14.65 -31.69
C GLU B 339 -9.68 14.73 -32.82
N ASP B 340 -9.61 15.81 -33.57
CA ASP B 340 -10.36 15.87 -34.82
C ASP B 340 -9.77 14.87 -35.82
N TRP B 341 -10.62 14.22 -36.60
CA TRP B 341 -10.10 13.23 -37.54
C TRP B 341 -10.74 13.41 -38.91
N GLY B 342 -10.79 14.64 -39.39
CA GLY B 342 -11.19 14.86 -40.76
C GLY B 342 -12.66 14.49 -41.01
N ILE B 343 -12.98 14.25 -42.28
CA ILE B 343 -14.38 14.02 -42.64
C ILE B 343 -14.82 12.60 -42.25
N LEU B 344 -15.99 12.46 -41.64
CA LEU B 344 -16.53 11.14 -41.33
C LEU B 344 -17.38 10.55 -42.50
N ALA B 345 -18.25 11.37 -43.08
CA ALA B 345 -19.18 10.95 -44.14
C ALA B 345 -19.55 12.20 -44.90
N LYS B 346 -19.72 12.05 -46.21
CA LYS B 346 -19.98 13.24 -47.00
C LYS B 346 -20.71 12.79 -48.24
N HIS B 347 -21.82 13.45 -48.56
CA HIS B 347 -22.41 13.23 -49.86
C HIS B 347 -23.18 14.48 -50.30
N SER B 348 -23.01 14.87 -51.59
CA SER B 348 -23.81 15.93 -52.25
C SER B 348 -24.63 15.29 -53.35
N ASP B 349 -25.95 15.26 -53.16
CA ASP B 349 -26.82 14.47 -54.01
C ASP B 349 -27.51 15.36 -55.05
N LEU B 350 -27.32 15.03 -56.34
CA LEU B 350 -27.95 15.83 -57.39
C LEU B 350 -29.47 15.73 -57.31
N TRP B 351 -29.98 14.50 -57.15
CA TRP B 351 -31.42 14.28 -57.25
C TRP B 351 -32.18 14.90 -56.09
N SER B 352 -31.70 14.75 -54.85
CA SER B 352 -32.43 15.29 -53.72
C SER B 352 -32.04 16.73 -53.37
N GLY B 353 -30.89 17.22 -53.82
CA GLY B 353 -30.45 18.54 -53.43
C GLY B 353 -29.88 18.65 -52.02
N ILE B 354 -29.78 17.54 -51.29
CA ILE B 354 -29.28 17.57 -49.95
C ILE B 354 -27.77 17.42 -49.99
N ASN B 355 -27.05 18.36 -49.37
CA ASN B 355 -25.60 18.28 -49.14
C ASN B 355 -25.35 17.99 -47.67
N TYR B 356 -24.61 16.93 -47.40
CA TYR B 356 -24.41 16.37 -46.07
C TYR B 356 -22.90 16.24 -45.84
N THR B 357 -22.40 16.79 -44.73
CA THR B 357 -21.03 16.56 -44.32
C THR B 357 -20.98 16.41 -42.80
N ARG B 358 -20.20 15.44 -42.30
CA ARG B 358 -20.01 15.25 -40.86
C ARG B 358 -18.55 14.98 -40.60
N ARG B 359 -18.06 15.44 -39.46
CA ARG B 359 -16.66 15.31 -39.12
C ARG B 359 -16.45 14.16 -38.13
N ASN B 360 -15.28 13.54 -38.23
CA ASN B 360 -14.88 12.39 -37.45
C ASN B 360 -14.03 12.88 -36.28
N ARG B 361 -13.93 12.02 -35.27
CA ARG B 361 -13.17 12.26 -34.04
C ARG B 361 -12.60 10.95 -33.55
N ARG B 362 -11.47 11.02 -32.83
CA ARG B 362 -11.03 9.82 -32.16
C ARG B 362 -10.59 10.17 -30.75
N MET B 363 -10.86 9.24 -29.86
CA MET B 363 -10.31 9.27 -28.53
CA MET B 363 -10.31 9.26 -28.53
C MET B 363 -8.96 8.56 -28.55
N VAL B 364 -7.99 9.17 -27.85
CA VAL B 364 -6.58 8.74 -27.83
C VAL B 364 -6.16 8.43 -26.39
N ILE B 365 -5.57 7.27 -26.17
CA ILE B 365 -5.06 6.84 -24.87
C ILE B 365 -3.66 6.32 -25.13
N SER B 366 -2.64 6.99 -24.57
CA SER B 366 -1.27 6.66 -24.92
C SER B 366 -0.32 6.75 -23.73
N PHE B 367 0.79 6.04 -23.85
CA PHE B 367 1.92 6.23 -22.95
C PHE B 367 3.18 6.04 -23.78
N PHE B 368 4.32 6.52 -23.25
CA PHE B 368 5.62 6.30 -23.86
C PHE B 368 6.55 5.56 -22.91
N THR B 369 7.43 4.72 -23.44
CA THR B 369 8.40 4.06 -22.59
C THR B 369 9.79 4.18 -23.17
N THR B 370 10.81 4.10 -22.29
CA THR B 370 12.20 4.23 -22.74
C THR B 370 13.00 3.09 -22.15
N ILE B 371 13.64 2.29 -23.00
CA ILE B 371 14.58 1.29 -22.50
C ILE B 371 15.88 1.45 -23.24
N GLY B 372 16.91 1.92 -22.53
CA GLY B 372 18.22 2.11 -23.16
C GLY B 372 18.15 3.19 -24.24
N ASN B 373 18.48 2.82 -25.46
CA ASN B 373 18.47 3.74 -26.57
C ASN B 373 17.09 3.87 -27.24
N TPQ B 374 16.18 2.95 -26.92
CA TPQ B 374 14.88 2.90 -27.60
CB TPQ B 374 14.36 1.48 -27.77
C TPQ B 374 13.78 3.63 -26.86
O TPQ B 374 13.65 3.57 -25.65
C1 TPQ B 374 15.38 0.52 -28.20
C2 TPQ B 374 15.59 0.40 -29.67
O2 TPQ B 374 14.92 1.09 -30.46
C3 TPQ B 374 16.60 -0.56 -30.10
C4 TPQ B 374 17.31 -1.27 -29.18
O4 TPQ B 374 18.24 -2.17 -29.60
C5 TPQ B 374 17.11 -1.15 -27.71
O5 TPQ B 374 17.79 -1.82 -26.88
C6 TPQ B 374 16.08 -0.18 -27.30
N ASP B 375 12.88 4.27 -27.64
CA ASP B 375 11.72 4.93 -27.05
C ASP B 375 10.52 4.46 -27.88
N TYR B 376 9.48 3.96 -27.21
CA TYR B 376 8.29 3.41 -27.86
C TYR B 376 7.01 4.07 -27.39
N GLY B 377 6.17 4.52 -28.32
CA GLY B 377 4.86 5.05 -27.97
C GLY B 377 3.78 4.03 -28.26
N PHE B 378 2.87 3.83 -27.31
CA PHE B 378 1.75 2.89 -27.47
C PHE B 378 0.48 3.73 -27.52
N TYR B 379 -0.27 3.64 -28.65
CA TYR B 379 -1.44 4.49 -28.90
C TYR B 379 -2.65 3.62 -29.19
N TRP B 380 -3.72 3.80 -28.41
CA TRP B 380 -5.02 3.20 -28.66
C TRP B 380 -5.99 4.30 -29.10
N TYR B 381 -6.68 4.06 -30.22
CA TYR B 381 -7.64 5.02 -30.78
C TYR B 381 -9.04 4.39 -30.82
N LEU B 382 -10.05 5.16 -30.41
CA LEU B 382 -11.46 4.80 -30.59
C LEU B 382 -12.09 5.82 -31.51
N TYR B 383 -12.78 5.37 -32.57
CA TYR B 383 -13.38 6.27 -33.52
C TYR B 383 -14.90 6.30 -33.38
N LEU B 384 -15.51 7.34 -33.94
CA LEU B 384 -16.97 7.50 -33.84
C LEU B 384 -17.69 6.31 -34.42
N ASP B 385 -17.15 5.72 -35.50
CA ASP B 385 -17.88 4.73 -36.30
C ASP B 385 -17.67 3.32 -35.81
N GLY B 386 -17.10 3.12 -34.63
CA GLY B 386 -16.94 1.78 -34.13
C GLY B 386 -15.58 1.20 -34.40
N THR B 387 -14.72 1.92 -35.09
CA THR B 387 -13.38 1.40 -35.35
C THR B 387 -12.48 1.55 -34.12
N ILE B 388 -11.71 0.49 -33.84
CA ILE B 388 -10.65 0.46 -32.82
C ILE B 388 -9.30 0.24 -33.50
N GLU B 389 -8.30 1.03 -33.15
CA GLU B 389 -7.01 0.95 -33.82
C GLU B 389 -5.89 1.02 -32.78
N PHE B 390 -4.82 0.25 -33.01
CA PHE B 390 -3.58 0.37 -32.21
C PHE B 390 -2.46 0.82 -33.13
N GLU B 391 -1.57 1.65 -32.60
CA GLU B 391 -0.41 2.16 -33.32
C GLU B 391 0.76 2.23 -32.35
N ALA B 392 1.85 1.55 -32.71
CA ALA B 392 3.15 1.70 -32.08
C ALA B 392 3.99 2.75 -32.82
N LYS B 393 4.63 3.64 -32.06
CA LYS B 393 5.56 4.62 -32.64
C LYS B 393 6.95 4.32 -32.10
N ALA B 394 7.87 4.03 -32.99
CA ALA B 394 9.22 3.64 -32.59
C ALA B 394 10.15 4.82 -32.86
N THR B 395 10.90 5.24 -31.85
CA THR B 395 11.85 6.34 -32.04
C THR B 395 13.04 6.09 -31.10
N GLY B 396 13.76 7.14 -30.73
CA GLY B 396 14.95 6.98 -29.86
C GLY B 396 16.20 7.16 -30.71
N VAL B 397 17.28 6.51 -30.31
CA VAL B 397 18.56 6.53 -31.04
C VAL B 397 18.80 5.10 -31.50
N VAL B 398 19.22 4.91 -32.76
CA VAL B 398 19.48 3.54 -33.23
C VAL B 398 20.65 2.93 -32.45
N PHE B 399 20.57 1.62 -32.21
CA PHE B 399 21.70 0.88 -31.67
C PHE B 399 22.81 0.79 -32.71
N THR B 400 24.06 1.03 -32.31
CA THR B 400 25.14 1.23 -33.26
C THR B 400 26.22 0.16 -33.14
N SER B 401 27.05 0.12 -34.18
CA SER B 401 28.23 -0.71 -34.23
C SER B 401 29.31 0.02 -35.03
N ALA B 402 30.46 -0.62 -35.19
CA ALA B 402 31.37 -0.09 -36.19
C ALA B 402 30.85 -0.51 -37.54
N PHE B 403 31.26 0.23 -38.57
CA PHE B 403 30.96 -0.18 -39.93
C PHE B 403 32.21 -0.77 -40.54
N PRO B 404 32.20 -2.05 -40.96
CA PRO B 404 33.45 -2.70 -41.41
C PRO B 404 33.97 -2.09 -42.71
N GLU B 405 35.28 -2.15 -42.92
CA GLU B 405 35.79 -1.42 -44.07
C GLU B 405 35.44 -2.11 -45.38
N GLY B 406 35.26 -3.42 -45.37
CA GLY B 406 34.82 -3.98 -46.64
C GLY B 406 33.34 -3.78 -46.99
N GLY B 407 32.53 -3.12 -46.14
CA GLY B 407 31.08 -3.15 -46.27
C GLY B 407 30.47 -4.24 -45.38
N SER B 408 29.13 -4.34 -45.43
CA SER B 408 28.40 -5.35 -44.68
C SER B 408 27.06 -5.59 -45.36
N ASP B 409 26.59 -6.83 -45.31
CA ASP B 409 25.25 -7.17 -45.78
C ASP B 409 24.19 -7.07 -44.69
N ASN B 410 24.58 -6.70 -43.48
CA ASN B 410 23.68 -6.79 -42.32
C ASN B 410 23.71 -5.52 -41.49
N ILE B 411 24.41 -4.49 -41.93
CA ILE B 411 24.60 -3.27 -41.15
C ILE B 411 24.50 -2.13 -42.15
N SER B 412 23.89 -1.02 -41.78
CA SER B 412 23.96 0.10 -42.72
C SER B 412 24.89 1.17 -42.13
N GLN B 413 25.50 1.97 -43.00
CA GLN B 413 26.41 3.03 -42.55
C GLN B 413 25.64 4.31 -42.32
N LEU B 414 25.79 4.91 -41.14
CA LEU B 414 25.10 6.16 -40.81
C LEU B 414 26.01 7.39 -40.83
N ALA B 415 27.31 7.21 -40.84
CA ALA B 415 28.29 8.25 -40.53
C ALA B 415 29.65 7.59 -40.71
N PRO B 416 30.74 8.35 -40.88
CA PRO B 416 32.04 7.69 -41.20
C PRO B 416 32.47 6.75 -40.10
N GLY B 417 32.64 5.47 -40.44
CA GLY B 417 33.01 4.46 -39.46
C GLY B 417 31.85 3.90 -38.63
N LEU B 418 30.63 4.46 -38.73
CA LEU B 418 29.53 4.18 -37.80
C LEU B 418 28.42 3.39 -38.50
N GLY B 419 28.13 2.19 -38.00
CA GLY B 419 27.08 1.33 -38.51
C GLY B 419 25.87 1.18 -37.57
N ALA B 420 24.81 0.60 -38.13
CA ALA B 420 23.54 0.35 -37.42
C ALA B 420 23.08 -1.01 -37.91
N PRO B 421 23.24 -2.06 -37.10
CA PRO B 421 22.82 -3.41 -37.51
C PRO B 421 21.31 -3.51 -37.82
N PHE B 422 20.98 -4.31 -38.81
CA PHE B 422 19.57 -4.56 -39.15
C PHE B 422 18.86 -5.26 -38.00
N HIS B 423 17.57 -4.97 -37.81
CA HIS B 423 16.81 -5.56 -36.71
C HIS B 423 15.32 -5.41 -37.00
N GLN B 424 14.50 -6.07 -36.19
CA GLN B 424 13.05 -5.89 -36.24
C GLN B 424 12.56 -5.45 -34.87
N HIS B 425 11.35 -4.88 -34.86
CA HIS B 425 10.63 -4.58 -33.62
C HIS B 425 9.27 -5.22 -33.81
N ILE B 426 8.96 -6.31 -33.07
CA ILE B 426 7.75 -7.08 -33.32
C ILE B 426 6.89 -7.07 -32.06
N PHE B 427 5.58 -6.94 -32.25
CA PHE B 427 4.61 -6.76 -31.19
C PHE B 427 3.64 -7.93 -31.21
N SER B 428 3.04 -8.25 -30.05
CA SER B 428 1.96 -9.24 -29.96
C SER B 428 0.78 -8.59 -29.26
N ALA B 429 -0.34 -8.39 -29.96
CA ALA B 429 -1.54 -7.86 -29.33
C ALA B 429 -2.35 -9.04 -28.80
N ARG B 430 -2.77 -8.98 -27.54
CA ARG B 430 -3.62 -10.04 -26.99
C ARG B 430 -5.03 -9.47 -26.82
N LEU B 431 -5.98 -10.01 -27.60
CA LEU B 431 -7.33 -9.45 -27.70
C LEU B 431 -8.26 -10.54 -27.21
N ASP B 432 -8.63 -10.44 -25.95
CA ASP B 432 -9.61 -11.34 -25.33
C ASP B 432 -10.97 -10.86 -25.81
N MET B 433 -11.55 -11.58 -26.77
CA MET B 433 -12.68 -11.06 -27.51
C MET B 433 -13.97 -11.36 -26.78
N ALA B 434 -14.96 -10.46 -26.96
CA ALA B 434 -16.28 -10.66 -26.38
C ALA B 434 -17.33 -10.00 -27.28
N ILE B 435 -17.34 -10.38 -28.55
CA ILE B 435 -18.25 -9.75 -29.52
C ILE B 435 -19.69 -10.10 -29.12
N ASP B 436 -20.41 -9.11 -28.59
CA ASP B 436 -21.77 -9.27 -28.05
C ASP B 436 -21.87 -10.38 -27.00
N GLY B 437 -20.80 -10.66 -26.28
CA GLY B 437 -20.80 -11.79 -25.35
C GLY B 437 -19.64 -12.73 -25.66
N PHE B 438 -19.60 -13.86 -24.96
CA PHE B 438 -18.40 -14.66 -24.97
C PHE B 438 -18.42 -15.81 -25.95
N THR B 439 -19.52 -16.00 -26.68
CA THR B 439 -19.64 -17.08 -27.66
CA THR B 439 -19.60 -17.10 -27.65
C THR B 439 -19.17 -16.54 -28.99
N ASN B 440 -17.88 -16.72 -29.31
CA ASN B 440 -17.30 -16.10 -30.51
C ASN B 440 -16.61 -17.14 -31.34
N ARG B 441 -16.43 -16.83 -32.63
CA ARG B 441 -15.57 -17.64 -33.47
C ARG B 441 -14.85 -16.73 -34.45
N VAL B 442 -13.83 -17.27 -35.12
CA VAL B 442 -13.00 -16.50 -36.05
C VAL B 442 -13.07 -17.14 -37.41
N GLU B 443 -13.27 -16.32 -38.45
CA GLU B 443 -13.27 -16.75 -39.83
C GLU B 443 -12.17 -16.01 -40.61
N GLU B 444 -11.46 -16.76 -41.46
CA GLU B 444 -10.51 -16.23 -42.42
C GLU B 444 -11.24 -15.87 -43.72
N GLU B 445 -11.19 -14.61 -44.10
CA GLU B 445 -11.86 -14.17 -45.31
C GLU B 445 -10.82 -13.87 -46.39
N ASP B 446 -10.90 -14.59 -47.51
CA ASP B 446 -10.05 -14.38 -48.68
C ASP B 446 -10.87 -13.90 -49.87
N VAL B 447 -10.28 -13.00 -50.66
CA VAL B 447 -10.83 -12.62 -51.96
C VAL B 447 -10.71 -13.81 -52.90
N VAL B 448 -11.73 -14.04 -53.71
CA VAL B 448 -11.80 -15.16 -54.63
C VAL B 448 -11.90 -14.60 -56.04
N ARG B 449 -10.90 -14.90 -56.88
CA ARG B 449 -10.96 -14.49 -58.27
C ARG B 449 -11.80 -15.50 -59.08
N GLN B 450 -12.56 -15.03 -60.08
CA GLN B 450 -13.43 -15.93 -60.85
C GLN B 450 -13.03 -15.96 -62.33
N THR B 451 -13.16 -17.12 -62.96
CA THR B 451 -12.77 -17.26 -64.37
C THR B 451 -13.93 -16.90 -65.30
N MET B 452 -13.63 -16.16 -66.38
CA MET B 452 -14.45 -16.04 -67.59
C MET B 452 -15.07 -17.35 -68.00
N GLY B 453 -16.38 -17.36 -68.08
CA GLY B 453 -17.08 -18.53 -68.54
C GLY B 453 -18.53 -18.49 -68.12
N PRO B 454 -19.13 -19.66 -68.04
CA PRO B 454 -20.59 -19.73 -67.84
C PRO B 454 -20.99 -19.10 -66.51
N GLY B 455 -22.00 -18.22 -66.59
CA GLY B 455 -22.45 -17.47 -65.44
C GLY B 455 -21.58 -16.29 -65.07
N ASN B 456 -20.63 -15.94 -65.93
CA ASN B 456 -19.65 -14.87 -65.73
C ASN B 456 -19.05 -14.58 -67.11
N GLU B 457 -19.94 -14.36 -68.10
CA GLU B 457 -19.52 -14.36 -69.50
C GLU B 457 -18.64 -13.17 -69.86
N ARG B 458 -18.74 -12.04 -69.13
CA ARG B 458 -17.86 -10.89 -69.33
C ARG B 458 -16.58 -10.91 -68.47
N GLY B 459 -16.39 -11.92 -67.63
CA GLY B 459 -15.16 -11.96 -66.85
C GLY B 459 -15.00 -10.84 -65.85
N ASN B 460 -16.10 -10.34 -65.27
CA ASN B 460 -15.99 -9.29 -64.28
C ASN B 460 -16.17 -9.78 -62.84
N ALA B 461 -16.69 -11.00 -62.64
CA ALA B 461 -17.17 -11.38 -61.33
C ALA B 461 -15.98 -11.54 -60.37
N PHE B 462 -16.22 -11.18 -59.11
CA PHE B 462 -15.32 -11.65 -58.05
C PHE B 462 -16.11 -11.78 -56.76
N SER B 463 -15.54 -12.52 -55.80
CA SER B 463 -16.29 -12.88 -54.61
C SER B 463 -15.31 -13.01 -53.45
N ARG B 464 -15.77 -13.67 -52.40
CA ARG B 464 -14.91 -13.93 -51.24
C ARG B 464 -15.33 -15.28 -50.65
N LYS B 465 -14.53 -15.73 -49.70
CA LYS B 465 -14.86 -16.95 -49.00
C LYS B 465 -14.39 -16.76 -47.57
N ARG B 466 -15.11 -17.40 -46.64
CA ARG B 466 -14.85 -17.40 -45.21
C ARG B 466 -14.67 -18.84 -44.78
N THR B 467 -13.56 -19.12 -44.10
CA THR B 467 -13.24 -20.42 -43.54
C THR B 467 -13.26 -20.30 -42.02
N VAL B 468 -14.13 -21.08 -41.35
CA VAL B 468 -14.25 -21.11 -39.88
C VAL B 468 -13.09 -21.88 -39.31
N LEU B 469 -12.42 -21.26 -38.31
CA LEU B 469 -11.37 -21.89 -37.52
C LEU B 469 -12.06 -22.62 -36.36
N THR B 470 -12.04 -23.94 -36.38
CA THR B 470 -12.88 -24.67 -35.41
C THR B 470 -12.08 -25.27 -34.27
N ARG B 471 -10.78 -25.50 -34.44
CA ARG B 471 -9.95 -26.03 -33.37
C ARG B 471 -8.59 -25.34 -33.38
N GLU B 472 -8.00 -25.22 -32.18
CA GLU B 472 -6.73 -24.48 -32.04
C GLU B 472 -5.67 -24.98 -33.01
N SER B 473 -5.63 -26.30 -33.27
CA SER B 473 -4.63 -26.88 -34.16
C SER B 473 -4.78 -26.38 -35.60
N GLU B 474 -5.85 -25.66 -35.87
CA GLU B 474 -6.19 -25.10 -37.15
C GLU B 474 -6.02 -23.59 -37.18
N ALA B 475 -5.70 -22.97 -36.02
CA ALA B 475 -5.86 -21.53 -35.85
C ALA B 475 -4.51 -20.78 -35.76
N VAL B 476 -3.47 -21.29 -36.41
CA VAL B 476 -2.20 -20.59 -36.58
C VAL B 476 -2.18 -20.16 -38.04
N ARG B 477 -2.44 -18.87 -38.28
CA ARG B 477 -2.72 -18.34 -39.62
C ARG B 477 -1.66 -17.34 -40.06
N GLU B 478 -1.47 -17.25 -41.36
CA GLU B 478 -0.52 -16.31 -41.92
C GLU B 478 -1.22 -15.37 -42.88
N ALA B 479 -0.62 -14.18 -42.98
CA ALA B 479 -1.14 -13.13 -43.84
C ALA B 479 -1.09 -13.56 -45.31
N ASP B 480 -2.00 -13.02 -46.09
CA ASP B 480 -1.88 -13.11 -47.54
C ASP B 480 -2.42 -11.80 -48.12
N ALA B 481 -1.51 -10.86 -48.37
CA ALA B 481 -1.92 -9.52 -48.80
C ALA B 481 -2.52 -9.55 -50.21
N ARG B 482 -2.05 -10.48 -51.05
CA ARG B 482 -2.45 -10.55 -52.44
C ARG B 482 -3.90 -10.98 -52.63
N THR B 483 -4.44 -11.81 -51.73
CA THR B 483 -5.87 -12.12 -51.73
C THR B 483 -6.62 -11.33 -50.67
N GLY B 484 -6.04 -10.22 -50.17
CA GLY B 484 -6.77 -9.34 -49.27
C GLY B 484 -7.24 -10.02 -48.00
N ARG B 485 -6.46 -10.97 -47.48
CA ARG B 485 -6.88 -11.78 -46.33
C ARG B 485 -7.07 -10.92 -45.07
N THR B 486 -8.23 -11.07 -44.44
CA THR B 486 -8.57 -10.47 -43.15
C THR B 486 -9.18 -11.57 -42.30
N TRP B 487 -9.39 -11.29 -41.02
CA TRP B 487 -10.07 -12.24 -40.15
C TRP B 487 -11.29 -11.58 -39.56
N ILE B 488 -12.41 -12.32 -39.47
CA ILE B 488 -13.62 -11.80 -38.84
C ILE B 488 -13.85 -12.54 -37.53
N ILE B 489 -14.10 -11.80 -36.46
CA ILE B 489 -14.57 -12.34 -35.18
C ILE B 489 -16.07 -12.08 -35.07
N SER B 490 -16.86 -13.15 -35.02
CA SER B 490 -18.31 -13.05 -34.99
C SER B 490 -18.87 -13.83 -33.79
N ASN B 491 -20.12 -13.56 -33.48
CA ASN B 491 -20.89 -14.26 -32.46
C ASN B 491 -21.99 -15.00 -33.18
N PRO B 492 -21.86 -16.32 -33.39
CA PRO B 492 -22.89 -17.08 -34.15
C PRO B 492 -24.27 -17.10 -33.51
N GLU B 493 -24.41 -16.63 -32.28
CA GLU B 493 -25.66 -16.66 -31.55
C GLU B 493 -26.28 -15.29 -31.43
N SER B 494 -25.69 -14.26 -32.04
CA SER B 494 -26.23 -12.91 -31.95
C SER B 494 -26.32 -12.29 -33.36
N LYS B 495 -27.55 -12.06 -33.82
CA LYS B 495 -27.73 -11.71 -35.22
C LYS B 495 -28.18 -10.26 -35.38
N ASN B 496 -27.73 -9.63 -36.47
CA ASN B 496 -28.21 -8.29 -36.78
C ASN B 496 -29.63 -8.42 -37.37
N ARG B 497 -30.27 -7.30 -37.65
CA ARG B 497 -31.64 -7.36 -38.16
C ARG B 497 -31.77 -8.08 -39.51
N LEU B 498 -30.66 -8.34 -40.22
CA LEU B 498 -30.65 -9.12 -41.45
C LEU B 498 -30.45 -10.59 -41.18
N ASN B 499 -30.47 -10.97 -39.90
CA ASN B 499 -30.31 -12.35 -39.45
C ASN B 499 -28.96 -12.95 -39.82
N GLU B 500 -27.90 -12.13 -39.84
CA GLU B 500 -26.57 -12.68 -39.96
C GLU B 500 -25.80 -12.43 -38.68
N PRO B 501 -24.78 -13.24 -38.39
CA PRO B 501 -24.04 -13.06 -37.13
C PRO B 501 -23.29 -11.73 -37.12
N VAL B 502 -23.35 -11.04 -35.98
CA VAL B 502 -22.64 -9.78 -35.78
C VAL B 502 -21.14 -10.01 -35.74
N GLY B 503 -20.36 -8.99 -36.12
CA GLY B 503 -18.95 -9.31 -36.26
C GLY B 503 -18.08 -8.08 -36.35
N TYR B 504 -16.77 -8.32 -36.17
CA TYR B 504 -15.73 -7.30 -36.33
C TYR B 504 -14.65 -7.87 -37.26
N LYS B 505 -14.06 -7.02 -38.10
CA LYS B 505 -13.01 -7.47 -39.00
C LYS B 505 -11.67 -6.89 -38.55
N LEU B 506 -10.67 -7.75 -38.42
CA LEU B 506 -9.30 -7.36 -38.09
C LEU B 506 -8.57 -7.07 -39.39
N HIS B 507 -8.12 -5.82 -39.59
CA HIS B 507 -7.30 -5.40 -40.73
C HIS B 507 -5.84 -5.26 -40.30
N ALA B 508 -4.98 -6.13 -40.81
CA ALA B 508 -3.56 -6.18 -40.51
C ALA B 508 -2.79 -5.32 -41.49
N HIS B 509 -1.56 -4.95 -41.11
CA HIS B 509 -0.69 -4.21 -42.07
C HIS B 509 0.09 -5.13 -43.01
N ASN B 510 0.14 -6.43 -42.72
CA ASN B 510 0.79 -7.44 -43.55
C ASN B 510 2.30 -7.19 -43.73
N GLN B 511 2.97 -6.72 -42.65
CA GLN B 511 4.44 -6.57 -42.64
C GLN B 511 5.11 -7.94 -42.42
N PRO B 512 6.40 -8.09 -42.77
CA PRO B 512 7.04 -9.39 -42.58
C PRO B 512 7.06 -9.73 -41.10
N THR B 513 6.94 -11.01 -40.79
CA THR B 513 7.03 -11.56 -39.44
C THR B 513 8.50 -11.92 -39.12
N LEU B 514 8.76 -12.81 -38.15
CA LEU B 514 10.15 -13.02 -37.66
C LEU B 514 11.02 -13.60 -38.78
N LEU B 515 12.15 -12.96 -39.09
CA LEU B 515 12.94 -13.37 -40.27
C LEU B 515 13.99 -14.44 -39.96
N ALA B 516 14.30 -14.65 -38.69
CA ALA B 516 15.40 -15.52 -38.31
C ALA B 516 15.12 -16.96 -38.72
N ASP B 517 16.18 -17.73 -38.89
CA ASP B 517 16.07 -19.13 -39.27
C ASP B 517 15.15 -19.86 -38.31
N PRO B 518 14.27 -20.74 -38.80
CA PRO B 518 13.34 -21.41 -37.88
C PRO B 518 14.02 -22.36 -36.90
N GLY B 519 15.26 -22.80 -37.15
CA GLY B 519 15.93 -23.54 -36.10
C GLY B 519 16.67 -22.71 -35.07
N SER B 520 16.56 -21.38 -35.11
CA SER B 520 17.36 -20.53 -34.25
C SER B 520 16.85 -20.53 -32.79
N SER B 521 17.71 -20.05 -31.89
CA SER B 521 17.25 -19.83 -30.53
C SER B 521 16.08 -18.85 -30.50
N ILE B 522 16.20 -17.71 -31.22
CA ILE B 522 15.15 -16.69 -31.10
C ILE B 522 13.84 -17.18 -31.73
N ALA B 523 13.88 -17.99 -32.79
CA ALA B 523 12.63 -18.52 -33.35
C ALA B 523 11.87 -19.43 -32.36
N ARG B 524 12.62 -20.17 -31.52
CA ARG B 524 11.98 -21.00 -30.49
C ARG B 524 11.44 -20.17 -29.36
N ARG B 525 12.21 -19.16 -28.92
CA ARG B 525 11.76 -18.36 -27.77
C ARG B 525 10.65 -17.40 -28.18
N ALA B 526 10.71 -16.91 -29.41
CA ALA B 526 9.70 -15.96 -29.88
C ALA B 526 8.82 -16.60 -30.94
N ALA B 527 8.32 -17.81 -30.63
CA ALA B 527 7.56 -18.57 -31.63
C ALA B 527 6.34 -17.79 -32.07
N PHE B 528 5.73 -17.00 -31.17
CA PHE B 528 4.56 -16.20 -31.54
C PHE B 528 4.82 -15.32 -32.75
N ALA B 529 6.08 -14.83 -32.90
CA ALA B 529 6.38 -13.89 -33.99
C ALA B 529 6.62 -14.56 -35.33
N THR B 530 6.53 -15.90 -35.45
CA THR B 530 6.68 -16.52 -36.76
C THR B 530 5.38 -16.56 -37.56
N LYS B 531 4.25 -16.22 -36.96
CA LYS B 531 2.95 -16.28 -37.64
C LYS B 531 2.13 -15.07 -37.28
N ASP B 532 1.20 -14.67 -38.18
CA ASP B 532 0.50 -13.40 -37.99
C ASP B 532 -0.66 -13.51 -37.04
N LEU B 533 -1.26 -14.68 -36.92
CA LEU B 533 -2.52 -14.74 -36.20
C LEU B 533 -2.63 -16.09 -35.52
N TRP B 534 -2.90 -16.08 -34.21
CA TRP B 534 -3.19 -17.26 -33.44
C TRP B 534 -4.52 -17.05 -32.76
N VAL B 535 -5.28 -18.13 -32.55
CA VAL B 535 -6.48 -18.07 -31.73
C VAL B 535 -6.44 -19.21 -30.73
N THR B 536 -6.67 -18.90 -29.46
CA THR B 536 -6.76 -19.90 -28.41
C THR B 536 -8.10 -19.79 -27.71
N ARG B 537 -8.46 -20.87 -27.03
CA ARG B 537 -9.51 -20.86 -26.04
C ARG B 537 -9.03 -20.19 -24.76
N TYR B 538 -9.87 -19.33 -24.18
CA TYR B 538 -9.52 -18.60 -22.96
C TYR B 538 -9.19 -19.54 -21.80
N ALA B 539 -8.19 -19.15 -21.03
CA ALA B 539 -7.81 -19.83 -19.79
C ALA B 539 -7.12 -18.79 -18.94
N ASP B 540 -7.38 -18.80 -17.61
CA ASP B 540 -6.88 -17.68 -16.81
C ASP B 540 -5.37 -17.63 -16.74
N ASP B 541 -4.67 -18.75 -16.94
CA ASP B 541 -3.21 -18.77 -16.77
C ASP B 541 -2.46 -18.57 -18.08
N GLU B 542 -3.15 -18.42 -19.21
CA GLU B 542 -2.48 -18.25 -20.48
C GLU B 542 -2.48 -16.76 -20.82
N ARG B 543 -1.55 -16.02 -20.20
CA ARG B 543 -1.59 -14.56 -20.32
C ARG B 543 -0.60 -13.97 -21.31
N TYR B 544 0.51 -14.65 -21.60
CA TYR B 544 1.55 -14.03 -22.40
C TYR B 544 2.00 -15.01 -23.46
N PRO B 545 2.36 -14.53 -24.66
CA PRO B 545 2.58 -15.46 -25.77
C PRO B 545 3.88 -16.22 -25.67
N THR B 546 4.74 -15.84 -24.73
CA THR B 546 6.05 -16.45 -24.54
C THR B 546 6.15 -17.19 -23.21
N GLY B 547 5.09 -17.20 -22.40
CA GLY B 547 5.19 -17.69 -21.03
C GLY B 547 5.32 -16.56 -20.01
N ASP B 548 5.26 -16.94 -18.75
CA ASP B 548 5.35 -16.03 -17.60
C ASP B 548 6.77 -15.53 -17.33
N PHE B 549 7.77 -16.36 -17.57
CA PHE B 549 9.17 -16.06 -17.18
C PHE B 549 9.96 -16.16 -18.46
N VAL B 550 10.08 -15.05 -19.19
CA VAL B 550 10.71 -15.11 -20.51
C VAL B 550 12.23 -15.05 -20.40
N ASN B 551 12.73 -14.34 -19.38
CA ASN B 551 14.18 -14.12 -19.21
C ASN B 551 14.89 -15.47 -19.10
N GLN B 552 15.69 -15.76 -20.14
CA GLN B 552 16.60 -16.90 -20.15
C GLN B 552 15.81 -18.20 -20.10
N HIS B 553 14.67 -18.24 -20.80
CA HIS B 553 13.98 -19.50 -20.94
C HIS B 553 14.29 -20.04 -22.34
N SER B 554 14.28 -21.36 -22.48
CA SER B 554 14.95 -22.07 -23.58
C SER B 554 14.13 -22.13 -24.88
N GLY B 555 12.81 -21.96 -24.81
CA GLY B 555 12.00 -22.01 -26.00
C GLY B 555 10.74 -22.86 -25.83
N GLY B 556 9.75 -22.65 -26.71
CA GLY B 556 8.56 -23.48 -26.77
C GLY B 556 7.44 -23.13 -25.80
N ALA B 557 7.75 -22.33 -24.79
CA ALA B 557 6.71 -21.97 -23.84
C ALA B 557 5.69 -21.06 -24.52
N GLY B 558 4.58 -20.84 -23.83
CA GLY B 558 3.56 -19.94 -24.31
C GLY B 558 2.79 -20.53 -25.48
N LEU B 559 2.58 -19.72 -26.51
CA LEU B 559 1.59 -20.04 -27.54
C LEU B 559 1.76 -21.43 -28.17
N PRO B 560 2.94 -21.90 -28.58
CA PRO B 560 2.97 -23.24 -29.20
C PRO B 560 2.54 -24.34 -28.23
N SER B 561 2.72 -24.12 -26.92
CA SER B 561 2.25 -24.99 -25.84
C SER B 561 0.74 -24.84 -25.59
N TYR B 562 0.21 -23.62 -25.62
CA TYR B 562 -1.25 -23.44 -25.52
C TYR B 562 -1.97 -24.18 -26.64
N ILE B 563 -1.55 -23.95 -27.90
CA ILE B 563 -2.34 -24.44 -29.02
CA ILE B 563 -2.26 -24.44 -29.08
C ILE B 563 -2.27 -25.96 -29.17
N ALA B 564 -1.32 -26.61 -28.47
CA ALA B 564 -1.19 -28.07 -28.56
C ALA B 564 -2.32 -28.81 -27.85
N GLN B 565 -3.03 -28.15 -26.92
CA GLN B 565 -4.24 -28.71 -26.31
C GLN B 565 -5.41 -28.86 -27.28
N ASP B 566 -5.35 -28.22 -28.45
CA ASP B 566 -6.31 -28.47 -29.54
C ASP B 566 -7.76 -28.27 -29.08
N ARG B 567 -8.02 -27.15 -28.40
CA ARG B 567 -9.33 -26.96 -27.83
C ARG B 567 -10.32 -26.43 -28.86
N ASP B 568 -11.58 -26.63 -28.55
CA ASP B 568 -12.67 -26.17 -29.41
C ASP B 568 -12.74 -24.66 -29.31
N ILE B 569 -12.70 -23.98 -30.47
CA ILE B 569 -12.84 -22.53 -30.49
C ILE B 569 -14.03 -22.06 -31.35
N ASP B 570 -14.99 -22.92 -31.63
CA ASP B 570 -16.10 -22.57 -32.53
C ASP B 570 -17.27 -22.11 -31.70
N GLY B 571 -17.37 -20.82 -31.46
CA GLY B 571 -18.45 -20.29 -30.65
C GLY B 571 -18.15 -20.44 -29.16
N GLN B 572 -16.94 -20.06 -28.77
CA GLN B 572 -16.45 -20.23 -27.41
C GLN B 572 -15.82 -18.93 -26.92
N ASP B 573 -15.35 -18.96 -25.68
CA ASP B 573 -14.64 -17.84 -25.11
C ASP B 573 -13.22 -17.91 -25.67
N ILE B 574 -12.88 -17.03 -26.63
CA ILE B 574 -11.63 -17.16 -27.39
C ILE B 574 -10.75 -15.91 -27.20
N VAL B 575 -9.48 -16.07 -27.51
CA VAL B 575 -8.51 -14.98 -27.41
C VAL B 575 -7.79 -14.88 -28.74
N VAL B 576 -7.64 -13.65 -29.26
CA VAL B 576 -6.96 -13.45 -30.53
C VAL B 576 -5.57 -12.87 -30.26
N TRP B 577 -4.53 -13.47 -30.83
CA TRP B 577 -3.15 -12.99 -30.67
C TRP B 577 -2.65 -12.60 -32.05
N HIS B 578 -2.40 -11.32 -32.26
CA HIS B 578 -1.95 -10.82 -33.56
C HIS B 578 -0.51 -10.31 -33.45
N THR B 579 0.37 -10.90 -34.24
CA THR B 579 1.76 -10.47 -34.41
C THR B 579 1.86 -9.41 -35.50
N PHE B 580 2.54 -8.29 -35.21
CA PHE B 580 2.81 -7.25 -36.22
C PHE B 580 4.11 -6.53 -35.86
N GLY B 581 4.84 -6.04 -36.86
CA GLY B 581 6.19 -5.57 -36.57
C GLY B 581 6.77 -4.70 -37.65
N LEU B 582 7.86 -4.01 -37.29
CA LEU B 582 8.60 -3.17 -38.22
C LEU B 582 9.90 -3.89 -38.53
N THR B 583 10.29 -3.90 -39.80
CA THR B 583 11.62 -4.38 -40.18
C THR B 583 12.46 -3.14 -40.49
N HIS B 584 13.54 -2.95 -39.73
CA HIS B 584 14.21 -1.66 -39.70
C HIS B 584 15.60 -1.84 -40.33
N PHE B 585 15.76 -1.34 -41.55
CA PHE B 585 17.08 -1.21 -42.17
C PHE B 585 17.45 0.24 -42.01
N PRO B 586 18.31 0.59 -41.05
CA PRO B 586 18.42 2.00 -40.66
C PRO B 586 18.94 2.82 -41.83
N ARG B 587 18.50 4.06 -41.87
CA ARG B 587 18.83 4.97 -42.95
C ARG B 587 19.59 6.16 -42.37
N VAL B 588 20.33 6.88 -43.22
CA VAL B 588 21.10 8.01 -42.73
C VAL B 588 20.21 9.00 -42.02
N GLU B 589 18.95 9.15 -42.48
CA GLU B 589 18.02 10.09 -41.86
C GLU B 589 17.62 9.66 -40.45
N ASP B 590 17.90 8.43 -40.06
CA ASP B 590 17.63 7.98 -38.69
C ASP B 590 18.68 8.48 -37.69
N TRP B 591 19.72 9.17 -38.17
CA TRP B 591 20.88 9.55 -37.38
C TRP B 591 20.97 11.07 -37.29
N PRO B 592 21.21 11.66 -36.11
CA PRO B 592 21.63 11.09 -34.80
C PRO B 592 20.47 10.74 -33.79
N ILE B 593 19.23 11.07 -34.15
CA ILE B 593 18.05 10.72 -33.39
C ILE B 593 16.92 10.47 -34.41
N MET B 594 16.16 9.38 -34.20
CA MET B 594 15.44 8.94 -35.41
C MET B 594 14.01 9.45 -35.43
N PRO B 595 13.50 9.91 -36.58
CA PRO B 595 12.08 10.29 -36.62
C PRO B 595 11.20 9.05 -36.44
N VAL B 596 10.02 9.30 -35.91
CA VAL B 596 9.05 8.25 -35.62
C VAL B 596 8.71 7.45 -36.86
N ASP B 597 8.70 6.12 -36.73
CA ASP B 597 8.06 5.22 -37.69
C ASP B 597 6.97 4.39 -36.97
N THR B 598 5.98 3.92 -37.74
CA THR B 598 4.78 3.37 -37.09
C THR B 598 4.36 2.03 -37.71
N VAL B 599 3.68 1.23 -36.88
CA VAL B 599 3.00 0.03 -37.35
C VAL B 599 1.82 -0.22 -36.42
N GLY B 600 0.87 -1.03 -36.86
CA GLY B 600 -0.22 -1.45 -35.99
C GLY B 600 -1.30 -2.26 -36.71
N PHE B 601 -2.56 -2.03 -36.34
CA PHE B 601 -3.68 -2.84 -36.86
C PHE B 601 -4.95 -2.12 -36.50
N LYS B 602 -6.06 -2.61 -37.07
CA LYS B 602 -7.32 -2.02 -36.70
C LYS B 602 -8.43 -3.06 -36.77
N LEU B 603 -9.51 -2.83 -36.02
CA LEU B 603 -10.72 -3.62 -36.16
C LEU B 603 -11.89 -2.72 -36.50
N ARG B 604 -12.73 -3.18 -37.42
CA ARG B 604 -13.87 -2.41 -37.94
C ARG B 604 -15.10 -3.29 -37.82
N PRO B 605 -16.23 -2.72 -37.43
CA PRO B 605 -17.47 -3.48 -37.41
C PRO B 605 -17.75 -4.08 -38.78
N GLU B 606 -18.33 -5.28 -38.77
CA GLU B 606 -18.69 -6.04 -39.97
C GLU B 606 -20.07 -6.65 -39.72
N GLY B 607 -21.12 -5.90 -40.03
CA GLY B 607 -22.47 -6.34 -39.71
C GLY B 607 -22.74 -6.41 -38.22
N PHE B 608 -22.03 -5.61 -37.42
CA PHE B 608 -22.27 -5.53 -35.97
C PHE B 608 -23.52 -4.72 -35.67
N PHE B 609 -23.65 -3.58 -36.34
CA PHE B 609 -24.75 -2.68 -36.14
C PHE B 609 -25.84 -2.91 -37.21
N ASP B 610 -27.02 -2.34 -36.98
CA ASP B 610 -28.13 -2.58 -37.90
C ASP B 610 -28.14 -1.62 -39.08
N ARG B 611 -27.28 -0.60 -39.01
CA ARG B 611 -27.02 0.40 -40.04
C ARG B 611 -25.85 1.19 -39.50
N SER B 612 -25.47 2.27 -40.17
CA SER B 612 -24.38 3.12 -39.68
C SER B 612 -24.64 3.56 -38.24
N PRO B 613 -23.65 3.47 -37.34
CA PRO B 613 -23.85 3.97 -35.96
C PRO B 613 -23.58 5.46 -35.77
N VAL B 614 -23.34 6.24 -36.84
CA VAL B 614 -23.10 7.69 -36.69
C VAL B 614 -24.13 8.52 -37.45
N LEU B 615 -25.36 8.01 -37.60
CA LEU B 615 -26.43 8.83 -38.15
C LEU B 615 -26.85 9.97 -37.23
N ASP B 616 -26.55 9.86 -35.93
CA ASP B 616 -26.99 10.85 -34.97
C ASP B 616 -25.92 11.85 -34.62
N VAL B 617 -24.84 11.91 -35.41
CA VAL B 617 -23.79 12.89 -35.19
C VAL B 617 -24.24 14.22 -35.79
N PRO B 618 -24.17 15.32 -35.04
CA PRO B 618 -24.75 16.57 -35.53
C PRO B 618 -23.83 17.25 -36.54
N ALA B 619 -24.44 18.13 -37.32
CA ALA B 619 -23.68 19.01 -38.19
C ALA B 619 -22.67 19.76 -37.36
N ASN B 620 -21.52 20.02 -37.95
CA ASN B 620 -20.45 20.60 -37.17
C ASN B 620 -20.84 22.02 -36.74
N PRO B 621 -20.58 22.40 -35.47
CA PRO B 621 -20.89 23.72 -34.87
C PRO B 621 -20.40 24.97 -35.65
CU CU C . -13.06 -5.01 32.83
NA NA D . 14.93 6.09 20.38
CU CU E . 14.67 0.08 -35.04
NA NA F . -12.86 -14.19 -25.01
#